data_1YSJ
#
_entry.id   1YSJ
#
_cell.length_a   233.854
_cell.length_b   42.157
_cell.length_c   75.449
_cell.angle_alpha   90.00
_cell.angle_beta   106.713
_cell.angle_gamma   90.00
#
_symmetry.space_group_name_H-M   'C 1 2 1'
#
loop_
_entity.id
_entity.type
_entity.pdbx_description
1 polymer 'protein yxeP'
2 non-polymer 'NICKEL (II) ION'
3 water water
#
_entity_poly.entity_id   1
_entity_poly.type   'polypeptide(L)'
_entity_poly.pdbx_seq_one_letter_code
;(MSE)HHHHHHSSGVDLGTENLYFQSNA(MSE)ADKAFHTRLIN(MSE)RRDLHEHPELSFQEVETTKKIRRWLEEEQIE
ILDVPQLKTGVIAEIKGREDGPVIAIRADIDALPIQEQTNLPFASKVDGT(MSE)HACGHDFHTASIIGTA(MSE)LLNQ
RRAELKGTVRFIFQPAEEIAAGARKVLEAGVLNGVSAIFG(MSE)HNKPDLPVGTIGVKEGPL(MSE)ASVDRFEIVIKG
KGGHASIPNNSIDPIAAAGQIISGLQSVVSRNISSLQNAVVSITRVQAGTSWNVIPDQAE(MSE)EGTVRTFQKEARQAV
PEH(MSE)RRVAEGIAAGYGAQAEFKWFPYLPSVQNDGTFLNAASEAAARLGYQTVHAEQSPGGEDFALYQEKIPGFFVW
(MSE)GTNGTEEWHHPAFTLDEEALTVASQYFAELAVIVLETIK
;
_entity_poly.pdbx_strand_id   A,B
#
# COMPACT_ATOMS: atom_id res chain seq x y z
N ALA A 26 57.36 -12.05 -17.67
CA ALA A 26 56.25 -11.27 -17.05
C ALA A 26 55.11 -12.17 -16.59
N ASP A 27 55.41 -13.01 -15.59
CA ASP A 27 54.43 -13.92 -15.02
C ASP A 27 53.93 -13.38 -13.68
N LYS A 28 54.81 -13.39 -12.68
CA LYS A 28 54.45 -12.91 -11.35
C LYS A 28 54.34 -11.39 -11.30
N ALA A 29 55.18 -10.71 -12.09
CA ALA A 29 55.17 -9.25 -12.18
C ALA A 29 53.88 -8.74 -12.82
N PHE A 30 53.43 -9.42 -13.87
CA PHE A 30 52.19 -9.06 -14.57
C PHE A 30 50.96 -9.37 -13.71
N HIS A 31 50.99 -10.48 -12.98
CA HIS A 31 49.88 -10.87 -12.12
C HIS A 31 49.68 -9.90 -10.95
N THR A 32 50.78 -9.57 -10.25
CA THR A 32 50.78 -8.57 -9.18
C THR A 32 50.25 -7.22 -9.68
N ARG A 33 50.58 -6.88 -10.91
CA ARG A 33 50.10 -5.66 -11.56
C ARG A 33 48.58 -5.70 -11.76
N LEU A 34 48.05 -6.89 -12.03
CA LEU A 34 46.60 -7.08 -12.16
C LEU A 34 45.90 -7.01 -10.79
N ILE A 35 46.52 -7.66 -9.80
CA ILE A 35 46.02 -7.66 -8.42
C ILE A 35 45.97 -6.22 -7.87
N ASN A 36 47.06 -5.48 -8.05
CA ASN A 36 47.13 -4.10 -7.57
C ASN A 36 46.10 -3.16 -8.19
N ARG A 38 43.09 -4.24 -9.45
CA ARG A 38 41.85 -4.74 -8.86
C ARG A 38 41.61 -4.13 -7.48
N ARG A 39 42.66 -4.12 -6.66
CA ARG A 39 42.55 -3.68 -5.27
C ARG A 39 42.43 -2.17 -5.13
N ASP A 40 43.09 -1.43 -6.02
CA ASP A 40 42.95 0.02 -6.06
C ASP A 40 41.51 0.43 -6.35
N LEU A 41 40.86 -0.27 -7.28
CA LEU A 41 39.47 -0.03 -7.60
C LEU A 41 38.52 -0.45 -6.48
N HIS A 42 38.76 -1.64 -5.93
CA HIS A 42 37.96 -2.19 -4.82
C HIS A 42 38.02 -1.30 -3.59
N GLU A 43 39.19 -0.72 -3.35
CA GLU A 43 39.43 0.19 -2.25
C GLU A 43 38.76 1.55 -2.44
N HIS A 44 38.64 1.98 -3.69
CA HIS A 44 38.03 3.26 -4.02
C HIS A 44 36.84 3.08 -4.98
N PRO A 45 35.75 2.46 -4.49
CA PRO A 45 34.63 2.17 -5.38
C PRO A 45 33.77 3.41 -5.64
N GLU A 46 33.16 3.45 -6.82
CA GLU A 46 32.29 4.56 -7.20
C GLU A 46 30.95 4.04 -7.71
N LEU A 47 29.90 4.82 -7.49
CA LEU A 47 28.53 4.44 -7.90
C LEU A 47 28.28 4.71 -9.39
N SER A 48 27.22 4.10 -9.92
CA SER A 48 26.77 4.29 -11.32
C SER A 48 26.78 5.75 -11.77
N PHE A 49 27.44 6.01 -12.90
CA PHE A 49 27.60 7.36 -13.48
C PHE A 49 28.46 8.34 -12.65
N GLN A 50 29.09 7.82 -11.59
CA GLN A 50 29.92 8.64 -10.69
C GLN A 50 31.35 8.12 -10.66
N GLU A 51 31.69 7.32 -11.67
CA GLU A 51 33.00 6.67 -11.74
C GLU A 51 34.05 7.58 -12.36
N VAL A 52 34.25 8.73 -11.72
CA VAL A 52 35.20 9.74 -12.19
C VAL A 52 36.64 9.27 -12.01
N GLU A 53 36.97 8.83 -10.81
CA GLU A 53 38.33 8.41 -10.47
C GLU A 53 38.68 7.07 -11.11
N THR A 54 37.68 6.18 -11.20
CA THR A 54 37.83 4.88 -11.85
C THR A 54 38.18 5.06 -13.33
N THR A 55 37.43 5.93 -14.00
CA THR A 55 37.67 6.30 -15.39
C THR A 55 39.08 6.87 -15.56
N LYS A 56 39.48 7.72 -14.61
CA LYS A 56 40.81 8.32 -14.61
C LYS A 56 41.90 7.25 -14.50
N LYS A 57 41.73 6.30 -13.59
CA LYS A 57 42.71 5.24 -13.37
C LYS A 57 42.85 4.31 -14.56
N ILE A 58 41.71 3.88 -15.12
CA ILE A 58 41.68 3.03 -16.31
C ILE A 58 42.42 3.68 -17.48
N ARG A 59 42.10 4.95 -17.76
N ARG A 59 42.11 4.95 -17.75
CA ARG A 59 42.75 5.73 -18.81
CA ARG A 59 42.77 5.72 -18.82
C ARG A 59 44.26 5.72 -18.64
C ARG A 59 44.29 5.73 -18.66
N ARG A 60 44.71 6.11 -17.45
N ARG A 60 44.77 6.06 -17.47
CA ARG A 60 46.14 6.15 -17.12
CA ARG A 60 46.21 6.15 -17.24
C ARG A 60 46.84 4.80 -17.33
C ARG A 60 46.91 4.79 -17.30
N TRP A 61 46.21 3.73 -16.87
CA TRP A 61 46.78 2.38 -16.93
C TRP A 61 46.97 1.84 -18.35
N LEU A 62 46.04 2.21 -19.24
CA LEU A 62 46.13 1.83 -20.65
C LEU A 62 47.16 2.68 -21.40
N GLU A 63 47.23 3.97 -21.07
CA GLU A 63 48.21 4.87 -21.67
C GLU A 63 49.64 4.57 -21.21
N GLU A 64 49.77 3.90 -20.06
CA GLU A 64 51.07 3.42 -19.59
C GLU A 64 51.69 2.45 -20.58
N GLU A 65 50.85 1.61 -21.17
CA GLU A 65 51.31 0.61 -22.12
C GLU A 65 51.03 1.00 -23.57
N GLN A 66 50.79 2.30 -23.78
CA GLN A 66 50.59 2.88 -25.12
C GLN A 66 49.43 2.26 -25.90
N ILE A 67 48.35 1.95 -25.19
CA ILE A 67 47.14 1.47 -25.81
C ILE A 67 46.29 2.69 -26.13
N GLU A 68 45.90 2.83 -27.40
CA GLU A 68 45.11 3.97 -27.85
C GLU A 68 43.77 4.04 -27.14
N ILE A 69 43.45 5.23 -26.65
CA ILE A 69 42.16 5.49 -26.05
C ILE A 69 41.32 6.35 -27.01
N LEU A 70 40.12 5.85 -27.31
CA LEU A 70 39.19 6.54 -28.19
C LEU A 70 38.54 7.74 -27.51
N ASP A 71 38.37 8.82 -28.27
CA ASP A 71 37.80 10.05 -27.76
C ASP A 71 36.28 9.98 -27.90
N VAL A 72 35.61 9.83 -26.77
CA VAL A 72 34.14 9.74 -26.74
C VAL A 72 33.63 10.72 -25.70
N PRO A 73 33.51 12.01 -26.08
CA PRO A 73 33.19 13.08 -25.12
C PRO A 73 31.82 12.91 -24.45
N GLN A 74 30.88 12.30 -25.15
CA GLN A 74 29.53 12.04 -24.60
C GLN A 74 29.56 11.08 -23.40
N LEU A 75 30.57 10.23 -23.31
CA LEU A 75 30.75 9.38 -22.14
C LEU A 75 31.63 10.07 -21.10
N LYS A 76 30.99 10.71 -20.13
CA LYS A 76 31.68 11.42 -19.05
C LYS A 76 32.52 10.42 -18.24
N THR A 77 31.89 9.31 -17.87
CA THR A 77 32.60 8.20 -17.23
C THR A 77 32.58 6.99 -18.15
N GLY A 78 33.60 6.15 -18.03
CA GLY A 78 33.75 5.01 -18.93
C GLY A 78 34.88 5.28 -19.90
N VAL A 79 35.51 4.22 -20.36
CA VAL A 79 36.70 4.33 -21.21
C VAL A 79 36.54 3.40 -22.40
N ILE A 80 36.82 3.95 -23.58
CA ILE A 80 36.84 3.16 -24.80
C ILE A 80 38.26 3.15 -25.34
N ALA A 81 38.82 1.95 -25.49
CA ALA A 81 40.16 1.78 -26.00
C ALA A 81 40.14 0.87 -27.22
N GLU A 82 41.24 0.84 -27.97
CA GLU A 82 41.29 0.10 -29.23
C GLU A 82 42.70 -0.42 -29.49
N ILE A 83 42.78 -1.69 -29.89
CA ILE A 83 44.04 -2.29 -30.35
C ILE A 83 43.85 -2.85 -31.75
N LYS A 84 44.61 -2.29 -32.69
CA LYS A 84 44.55 -2.71 -34.09
C LYS A 84 45.60 -3.76 -34.39
N GLY A 85 45.20 -4.78 -35.14
CA GLY A 85 46.15 -5.76 -35.67
C GLY A 85 46.91 -5.15 -36.84
N ARG A 86 47.76 -5.95 -37.48
CA ARG A 86 48.57 -5.46 -38.58
C ARG A 86 47.93 -5.71 -39.95
N GLU A 87 46.74 -6.31 -39.93
CA GLU A 87 45.91 -6.49 -41.11
C GLU A 87 44.61 -5.71 -40.94
N ASP A 88 44.07 -5.21 -42.06
CA ASP A 88 42.69 -4.73 -42.08
C ASP A 88 41.77 -5.90 -41.82
N GLY A 89 40.74 -5.68 -41.01
CA GLY A 89 39.81 -6.74 -40.67
C GLY A 89 38.61 -6.27 -39.87
N PRO A 90 37.72 -7.20 -39.48
CA PRO A 90 36.56 -6.87 -38.67
C PRO A 90 36.95 -6.29 -37.32
N VAL A 91 36.02 -5.53 -36.72
CA VAL A 91 36.20 -4.99 -35.39
C VAL A 91 35.33 -5.79 -34.43
N ILE A 92 35.94 -6.27 -33.35
CA ILE A 92 35.18 -6.92 -32.28
C ILE A 92 35.36 -6.17 -30.96
N ALA A 93 34.47 -6.39 -30.01
CA ALA A 93 34.49 -5.65 -28.77
C ALA A 93 34.57 -6.57 -27.55
N ILE A 94 35.25 -6.11 -26.52
CA ILE A 94 35.31 -6.80 -25.24
C ILE A 94 34.89 -5.84 -24.13
N ARG A 95 33.94 -6.26 -23.33
CA ARG A 95 33.28 -5.35 -22.40
C ARG A 95 33.55 -5.71 -20.94
N ALA A 96 33.84 -4.69 -20.14
CA ALA A 96 33.86 -4.78 -18.68
C ALA A 96 33.01 -3.67 -18.07
N ASP A 97 32.36 -3.95 -16.94
CA ASP A 97 31.59 -2.95 -16.20
C ASP A 97 32.40 -2.37 -15.05
N ILE A 98 32.25 -1.07 -14.77
CA ILE A 98 33.16 -0.38 -13.84
C ILE A 98 32.53 0.18 -12.55
N ASP A 99 31.20 0.05 -12.40
CA ASP A 99 30.49 0.67 -11.27
C ASP A 99 30.32 -0.25 -10.04
N ALA A 100 30.27 0.36 -8.86
CA ALA A 100 30.07 -0.35 -7.60
C ALA A 100 28.64 -0.16 -7.06
N LEU A 101 28.44 -0.49 -5.78
CA LEU A 101 27.10 -0.53 -5.19
C LEU A 101 26.97 0.22 -3.86
N PRO A 102 25.77 0.76 -3.57
CA PRO A 102 25.51 1.47 -2.31
C PRO A 102 25.33 0.50 -1.14
N ILE A 103 26.37 -0.29 -0.86
CA ILE A 103 26.34 -1.25 0.23
C ILE A 103 27.62 -1.08 1.07
N GLN A 104 27.47 -1.18 2.39
CA GLN A 104 28.61 -1.13 3.31
C GLN A 104 29.37 -2.46 3.28
N GLU A 105 30.67 -2.39 2.99
CA GLU A 105 31.50 -3.58 2.94
C GLU A 105 31.71 -4.21 4.31
N GLN A 106 31.58 -5.53 4.39
CA GLN A 106 31.75 -6.29 5.63
C GLN A 106 32.77 -7.43 5.51
N THR A 107 33.79 -7.24 4.67
CA THR A 107 34.79 -8.28 4.41
C THR A 107 35.98 -8.26 5.39
N ASN A 108 36.27 -7.07 5.92
N ASN A 108 36.28 -7.08 5.93
CA ASN A 108 37.45 -6.81 6.75
CA ASN A 108 37.46 -6.82 6.76
C ASN A 108 38.79 -7.12 6.05
C ASN A 108 38.77 -7.18 6.04
N LEU A 109 38.79 -6.96 4.73
CA LEU A 109 39.99 -7.15 3.91
C LEU A 109 40.89 -5.92 4.05
N PRO A 110 42.22 -6.08 3.85
CA PRO A 110 43.12 -4.94 4.01
C PRO A 110 42.87 -3.85 2.96
N PHE A 111 42.28 -4.24 1.83
CA PHE A 111 42.01 -3.35 0.72
C PHE A 111 40.51 -3.09 0.55
N ALA A 112 39.76 -3.25 1.64
CA ALA A 112 38.32 -3.01 1.63
C ALA A 112 38.02 -1.54 1.34
N SER A 113 36.84 -1.29 0.76
CA SER A 113 36.41 0.07 0.44
C SER A 113 36.74 1.04 1.56
N LYS A 114 37.41 2.14 1.18
CA LYS A 114 37.68 3.24 2.10
C LYS A 114 36.53 4.25 2.05
N VAL A 115 35.53 3.96 1.23
CA VAL A 115 34.31 4.75 1.14
C VAL A 115 33.16 3.99 1.81
N ASP A 116 32.80 4.40 3.03
CA ASP A 116 31.73 3.76 3.80
C ASP A 116 30.38 3.84 3.09
N GLY A 117 29.72 2.69 2.96
CA GLY A 117 28.42 2.62 2.30
C GLY A 117 28.51 2.34 0.81
N THR A 118 29.73 2.29 0.28
CA THR A 118 29.96 1.92 -1.11
C THR A 118 30.92 0.72 -1.17
N HIS A 120 32.38 -2.59 -4.10
CA HIS A 120 32.38 -3.45 -5.28
C HIS A 120 31.92 -4.86 -4.90
N ALA A 121 30.62 -4.99 -4.61
CA ALA A 121 30.05 -6.25 -4.13
C ALA A 121 29.59 -7.17 -5.26
N CYS A 122 29.93 -6.81 -6.49
CA CYS A 122 29.56 -7.61 -7.65
C CYS A 122 30.79 -7.99 -8.51
N GLY A 123 31.98 -7.65 -8.02
CA GLY A 123 33.24 -8.02 -8.68
C GLY A 123 33.60 -7.25 -9.95
N HIS A 124 33.02 -6.06 -10.12
CA HIS A 124 33.27 -5.25 -11.32
C HIS A 124 34.69 -4.69 -11.34
N ASP A 125 35.28 -4.54 -10.16
CA ASP A 125 36.69 -4.23 -10.04
C ASP A 125 37.53 -5.35 -10.69
N PHE A 126 37.18 -6.60 -10.37
CA PHE A 126 37.76 -7.78 -11.02
C PHE A 126 37.58 -7.80 -12.54
N HIS A 127 36.36 -7.56 -13.02
CA HIS A 127 36.09 -7.52 -14.46
C HIS A 127 36.98 -6.51 -15.16
N THR A 128 37.05 -5.30 -14.58
CA THR A 128 37.83 -4.20 -15.12
C THR A 128 39.33 -4.54 -15.20
N ALA A 129 39.91 -4.95 -14.07
CA ALA A 129 41.33 -5.30 -14.02
C ALA A 129 41.70 -6.44 -14.99
N SER A 130 40.83 -7.45 -15.09
CA SER A 130 40.99 -8.56 -16.02
C SER A 130 41.08 -8.11 -17.47
N ILE A 131 40.12 -7.27 -17.88
CA ILE A 131 40.03 -6.80 -19.27
C ILE A 131 41.12 -5.77 -19.60
N ILE A 132 41.67 -5.11 -18.57
CA ILE A 132 42.86 -4.28 -18.76
C ILE A 132 44.03 -5.22 -19.03
N GLY A 133 44.10 -6.30 -18.26
CA GLY A 133 45.07 -7.37 -18.51
C GLY A 133 45.03 -7.87 -19.94
N THR A 134 43.82 -8.20 -20.41
CA THR A 134 43.60 -8.65 -21.79
C THR A 134 44.19 -7.67 -22.80
N ALA A 135 43.90 -6.38 -22.61
CA ALA A 135 44.39 -5.33 -23.48
C ALA A 135 45.92 -5.29 -23.48
N LEU A 137 48.02 -7.80 -22.76
CA LEU A 137 48.51 -9.01 -23.42
C LEU A 137 48.37 -8.91 -24.94
N LEU A 138 47.25 -8.35 -25.39
CA LEU A 138 46.97 -8.23 -26.81
C LEU A 138 47.81 -7.14 -27.45
N ASN A 139 48.19 -6.16 -26.64
CA ASN A 139 49.10 -5.08 -27.06
C ASN A 139 50.45 -5.60 -27.54
N GLN A 140 50.87 -6.76 -27.03
CA GLN A 140 52.12 -7.38 -27.42
C GLN A 140 51.91 -8.52 -28.41
N ARG A 141 50.69 -8.61 -28.96
CA ARG A 141 50.31 -9.70 -29.87
C ARG A 141 49.55 -9.20 -31.10
N ARG A 142 49.84 -7.97 -31.51
CA ARG A 142 49.14 -7.30 -32.61
C ARG A 142 49.27 -8.01 -33.96
N ALA A 143 50.40 -8.67 -34.17
CA ALA A 143 50.63 -9.45 -35.39
C ALA A 143 49.69 -10.65 -35.52
N GLU A 144 49.18 -11.13 -34.39
CA GLU A 144 48.24 -12.27 -34.37
C GLU A 144 46.80 -11.85 -34.63
N LEU A 145 46.50 -10.57 -34.44
CA LEU A 145 45.14 -10.07 -34.61
C LEU A 145 44.79 -9.78 -36.07
N LYS A 146 43.79 -10.50 -36.58
CA LYS A 146 43.29 -10.28 -37.93
C LYS A 146 42.15 -9.25 -37.90
N GLY A 147 42.46 -8.08 -37.36
CA GLY A 147 41.49 -7.01 -37.25
C GLY A 147 41.71 -6.20 -36.00
N THR A 148 40.62 -5.76 -35.39
CA THR A 148 40.67 -4.79 -34.32
C THR A 148 39.83 -5.20 -33.12
N VAL A 149 40.39 -5.01 -31.93
CA VAL A 149 39.64 -5.21 -30.69
C VAL A 149 39.36 -3.86 -30.03
N ARG A 150 38.08 -3.57 -29.86
CA ARG A 150 37.65 -2.39 -29.14
C ARG A 150 37.32 -2.78 -27.69
N PHE A 151 37.89 -2.07 -26.72
CA PHE A 151 37.63 -2.34 -25.31
C PHE A 151 36.64 -1.33 -24.75
N ILE A 152 35.61 -1.86 -24.09
CA ILE A 152 34.53 -1.06 -23.53
C ILE A 152 34.53 -1.18 -22.02
N PHE A 153 34.86 -0.08 -21.35
CA PHE A 153 34.77 -0.01 -19.90
C PHE A 153 33.52 0.80 -19.57
N GLN A 154 32.46 0.08 -19.27
CA GLN A 154 31.11 0.63 -19.27
C GLN A 154 30.67 1.08 -17.88
N PRO A 155 30.14 2.32 -17.79
CA PRO A 155 29.59 2.78 -16.51
C PRO A 155 28.18 2.23 -16.31
N ALA A 156 27.69 2.28 -15.07
CA ALA A 156 26.25 2.15 -14.78
C ALA A 156 25.58 0.84 -15.23
N GLU A 157 26.26 -0.29 -15.03
CA GLU A 157 25.63 -1.60 -15.27
C GLU A 157 24.56 -1.86 -14.22
N GLU A 158 24.84 -1.47 -12.98
CA GLU A 158 23.96 -1.78 -11.86
C GLU A 158 22.58 -1.14 -11.96
N ILE A 159 22.48 -0.05 -12.73
CA ILE A 159 21.19 0.61 -12.93
C ILE A 159 20.68 0.42 -14.37
N ALA A 160 21.36 -0.46 -15.10
CA ALA A 160 20.99 -0.85 -16.46
C ALA A 160 20.90 0.34 -17.43
N ALA A 161 21.83 1.29 -17.27
CA ALA A 161 21.77 2.52 -18.04
C ALA A 161 23.02 2.78 -18.90
N GLY A 162 24.12 2.13 -18.55
CA GLY A 162 25.41 2.38 -19.19
C GLY A 162 25.57 1.82 -20.60
N ALA A 163 25.08 0.61 -20.81
CA ALA A 163 25.11 -0.02 -22.13
C ALA A 163 24.34 0.79 -23.17
N ARG A 164 23.20 1.36 -22.77
CA ARG A 164 22.43 2.23 -23.64
C ARG A 164 23.19 3.51 -24.01
N LYS A 165 23.93 4.07 -23.05
CA LYS A 165 24.75 5.27 -23.30
C LYS A 165 25.92 4.99 -24.26
N VAL A 166 26.53 3.82 -24.09
CA VAL A 166 27.62 3.33 -24.95
C VAL A 166 27.11 3.14 -26.39
N LEU A 167 25.96 2.48 -26.54
CA LEU A 167 25.34 2.27 -27.86
C LEU A 167 25.02 3.59 -28.54
N GLU A 168 24.41 4.51 -27.79
CA GLU A 168 24.00 5.81 -28.30
C GLU A 168 25.20 6.73 -28.62
N ALA A 169 26.36 6.39 -28.06
CA ALA A 169 27.59 7.13 -28.32
C ALA A 169 28.24 6.69 -29.63
N GLY A 170 27.69 5.65 -30.25
CA GLY A 170 28.18 5.12 -31.52
C GLY A 170 29.40 4.22 -31.39
N VAL A 171 29.63 3.72 -30.17
CA VAL A 171 30.81 2.93 -29.86
C VAL A 171 30.81 1.58 -30.58
N LEU A 172 29.63 1.06 -30.90
CA LEU A 172 29.51 -0.23 -31.58
C LEU A 172 29.32 -0.15 -33.10
N ASN A 173 29.43 1.05 -33.65
CA ASN A 173 29.42 1.23 -35.10
C ASN A 173 30.60 0.48 -35.72
N GLY A 174 30.29 -0.42 -36.66
CA GLY A 174 31.30 -1.22 -37.35
C GLY A 174 31.77 -2.46 -36.63
N VAL A 175 31.26 -2.69 -35.42
CA VAL A 175 31.63 -3.85 -34.60
C VAL A 175 30.83 -5.10 -34.98
N SER A 176 31.52 -6.21 -35.22
CA SER A 176 30.92 -7.46 -35.66
C SER A 176 30.42 -8.34 -34.53
N ALA A 177 31.15 -8.32 -33.41
CA ALA A 177 30.83 -9.17 -32.26
C ALA A 177 31.24 -8.52 -30.96
N ILE A 178 30.54 -8.87 -29.89
CA ILE A 178 30.84 -8.36 -28.55
C ILE A 178 30.91 -9.49 -27.51
N PHE A 179 31.91 -9.39 -26.63
CA PHE A 179 32.14 -10.42 -25.65
C PHE A 179 32.27 -9.84 -24.25
N GLY A 180 31.83 -10.60 -23.26
CA GLY A 180 31.83 -10.14 -21.87
C GLY A 180 31.86 -11.29 -20.90
N HIS A 182 30.85 -12.39 -16.56
CA HIS A 182 30.56 -12.06 -15.19
C HIS A 182 31.19 -13.11 -14.29
N ASN A 183 31.83 -12.66 -13.23
CA ASN A 183 32.38 -13.55 -12.21
C ASN A 183 31.25 -14.43 -11.66
N LYS A 184 31.59 -15.69 -11.38
CA LYS A 184 30.63 -16.63 -10.86
C LYS A 184 31.24 -17.30 -9.63
N PRO A 185 30.86 -16.82 -8.43
CA PRO A 185 31.45 -17.28 -7.16
C PRO A 185 31.36 -18.77 -6.89
N ASP A 186 30.34 -19.42 -7.45
CA ASP A 186 30.09 -20.85 -7.22
C ASP A 186 30.92 -21.77 -8.12
N LEU A 187 31.61 -21.19 -9.09
CA LEU A 187 32.49 -21.95 -9.98
C LEU A 187 33.95 -21.82 -9.55
N PRO A 188 34.78 -22.85 -9.82
CA PRO A 188 36.16 -22.77 -9.39
C PRO A 188 37.05 -21.96 -10.33
N VAL A 189 38.20 -21.52 -9.84
CA VAL A 189 39.20 -20.81 -10.63
C VAL A 189 39.73 -21.73 -11.74
N GLY A 190 39.78 -21.18 -12.96
CA GLY A 190 40.22 -21.93 -14.13
C GLY A 190 39.06 -22.46 -14.95
N THR A 191 37.84 -22.21 -14.48
CA THR A 191 36.63 -22.68 -15.13
C THR A 191 35.80 -21.53 -15.73
N ILE A 192 35.41 -21.70 -16.98
CA ILE A 192 34.61 -20.73 -17.72
C ILE A 192 33.24 -21.37 -18.05
N GLY A 193 32.16 -20.67 -17.71
CA GLY A 193 30.80 -21.15 -17.94
C GLY A 193 30.29 -20.79 -19.32
N VAL A 194 29.91 -21.79 -20.10
CA VAL A 194 29.62 -21.63 -21.53
C VAL A 194 28.30 -22.27 -21.96
N LYS A 195 27.41 -21.46 -22.55
CA LYS A 195 26.21 -21.98 -23.22
C LYS A 195 25.75 -21.06 -24.36
N GLU A 196 25.13 -21.64 -25.39
CA GLU A 196 24.46 -20.86 -26.43
C GLU A 196 23.04 -20.51 -25.97
N GLY A 197 22.48 -19.45 -26.55
CA GLY A 197 21.12 -19.02 -26.24
C GLY A 197 21.00 -18.30 -24.91
N PRO A 198 19.80 -18.38 -24.29
CA PRO A 198 19.45 -17.62 -23.07
C PRO A 198 20.30 -17.99 -21.86
N LEU A 199 20.93 -16.98 -21.27
CA LEU A 199 21.78 -17.15 -20.08
C LEU A 199 21.19 -16.45 -18.87
N ALA A 201 17.94 -13.71 -17.44
CA ALA A 201 16.54 -13.37 -17.69
C ALA A 201 16.35 -11.94 -18.20
N SER A 202 15.28 -11.76 -18.97
CA SER A 202 14.79 -10.42 -19.28
C SER A 202 14.17 -9.85 -18.01
N VAL A 203 14.23 -8.54 -17.86
CA VAL A 203 13.58 -7.90 -16.71
C VAL A 203 12.67 -6.80 -17.24
N ASP A 204 11.42 -6.82 -16.78
CA ASP A 204 10.43 -5.84 -17.19
C ASP A 204 9.57 -5.44 -16.02
N ARG A 205 9.20 -4.17 -15.99
CA ARG A 205 8.38 -3.62 -14.92
C ARG A 205 6.92 -3.56 -15.37
N PHE A 206 6.02 -3.84 -14.45
CA PHE A 206 4.59 -3.66 -14.72
C PHE A 206 3.89 -2.95 -13.58
N GLU A 207 2.79 -2.27 -13.89
CA GLU A 207 1.96 -1.59 -12.90
C GLU A 207 0.48 -1.81 -13.22
N ILE A 208 -0.29 -2.22 -12.22
CA ILE A 208 -1.73 -2.37 -12.38
C ILE A 208 -2.50 -1.52 -11.38
N VAL A 209 -3.39 -0.68 -11.90
CA VAL A 209 -4.29 0.14 -11.09
C VAL A 209 -5.72 -0.41 -11.22
N ILE A 210 -6.33 -0.72 -10.08
CA ILE A 210 -7.71 -1.22 -10.02
C ILE A 210 -8.64 -0.18 -9.40
N LYS A 211 -9.56 0.34 -10.21
CA LYS A 211 -10.53 1.33 -9.73
C LYS A 211 -11.96 1.04 -10.23
N GLY A 212 -12.94 1.69 -9.60
CA GLY A 212 -14.34 1.54 -9.99
C GLY A 212 -14.72 2.24 -11.28
N LYS A 213 -16.02 2.46 -11.46
CA LYS A 213 -16.54 3.11 -12.66
C LYS A 213 -17.51 4.24 -12.30
N ASN A 222 -23.58 -1.44 -2.53
CA ASN A 222 -22.21 -1.68 -2.97
C ASN A 222 -21.67 -0.53 -3.82
N SER A 223 -20.71 0.21 -3.27
CA SER A 223 -20.05 1.29 -4.00
C SER A 223 -19.00 0.72 -4.95
N ILE A 224 -18.04 -0.03 -4.40
CA ILE A 224 -17.01 -0.72 -5.17
C ILE A 224 -16.09 -1.57 -4.28
N ASP A 225 -15.58 -2.67 -4.83
CA ASP A 225 -14.61 -3.48 -4.11
C ASP A 225 -13.33 -3.72 -4.94
N PRO A 226 -12.42 -2.72 -4.97
CA PRO A 226 -11.14 -2.87 -5.67
C PRO A 226 -10.16 -3.79 -4.94
N ILE A 227 -10.29 -3.90 -3.62
CA ILE A 227 -9.40 -4.72 -2.78
C ILE A 227 -9.58 -6.20 -3.07
N ALA A 228 -10.84 -6.65 -3.07
CA ALA A 228 -11.19 -8.03 -3.41
C ALA A 228 -10.70 -8.40 -4.81
N ALA A 229 -10.86 -7.46 -5.75
CA ALA A 229 -10.32 -7.60 -7.10
C ALA A 229 -8.79 -7.74 -7.05
N ALA A 230 -8.14 -6.83 -6.31
CA ALA A 230 -6.68 -6.86 -6.18
C ALA A 230 -6.17 -8.18 -5.60
N GLY A 231 -6.88 -8.72 -4.61
CA GLY A 231 -6.51 -9.98 -3.95
C GLY A 231 -6.51 -11.18 -4.88
N GLN A 232 -7.51 -11.26 -5.77
CA GLN A 232 -7.65 -12.37 -6.71
C GLN A 232 -6.63 -12.27 -7.84
N ILE A 233 -6.33 -11.03 -8.24
CA ILE A 233 -5.35 -10.76 -9.29
C ILE A 233 -3.93 -11.12 -8.84
N ILE A 234 -3.63 -10.89 -7.56
CA ILE A 234 -2.38 -11.34 -6.96
C ILE A 234 -2.25 -12.86 -7.08
N SER A 235 -3.32 -13.57 -6.73
CA SER A 235 -3.32 -15.03 -6.76
C SER A 235 -3.34 -15.54 -8.20
N GLY A 236 -3.94 -14.76 -9.10
CA GLY A 236 -4.01 -15.10 -10.53
C GLY A 236 -2.69 -14.90 -11.24
N LEU A 237 -2.00 -13.81 -10.94
CA LEU A 237 -0.73 -13.47 -11.59
C LEU A 237 0.47 -14.18 -10.97
N GLN A 238 0.69 -13.94 -9.68
CA GLN A 238 1.88 -14.41 -8.97
C GLN A 238 1.90 -15.93 -8.78
N ASN A 250 6.28 -20.37 -18.15
CA ASN A 250 7.72 -20.25 -18.35
C ASN A 250 8.30 -18.99 -17.72
N ALA A 251 7.45 -17.96 -17.57
CA ALA A 251 7.84 -16.69 -16.96
C ALA A 251 7.61 -16.69 -15.45
N VAL A 252 8.33 -15.82 -14.76
CA VAL A 252 8.16 -15.65 -13.32
C VAL A 252 7.65 -14.24 -13.04
N VAL A 253 6.41 -14.16 -12.54
CA VAL A 253 5.81 -12.89 -12.16
C VAL A 253 6.03 -12.65 -10.68
N SER A 254 6.68 -11.54 -10.37
CA SER A 254 7.01 -11.19 -9.00
C SER A 254 6.43 -9.83 -8.66
N ILE A 255 5.33 -9.83 -7.90
CA ILE A 255 4.70 -8.61 -7.42
C ILE A 255 5.46 -8.13 -6.18
N THR A 256 5.93 -6.89 -6.24
CA THR A 256 6.83 -6.35 -5.23
C THR A 256 6.21 -5.22 -4.40
N ARG A 257 5.17 -4.58 -4.93
CA ARG A 257 4.48 -3.50 -4.23
C ARG A 257 2.96 -3.58 -4.40
N VAL A 258 2.25 -3.45 -3.29
CA VAL A 258 0.79 -3.36 -3.28
C VAL A 258 0.36 -2.25 -2.33
N GLN A 259 -0.38 -1.28 -2.85
N GLN A 259 -0.33 -1.26 -2.89
CA GLN A 259 -0.84 -0.14 -2.03
CA GLN A 259 -0.91 -0.16 -2.12
C GLN A 259 -2.31 0.23 -2.29
C GLN A 259 -2.41 -0.08 -2.36
N ALA A 260 -3.15 0.06 -1.27
CA ALA A 260 -4.58 0.40 -1.34
C ALA A 260 -5.03 1.04 -0.03
N GLY A 261 -5.56 2.25 -0.12
CA GLY A 261 -6.18 2.93 1.03
C GLY A 261 -5.25 3.68 1.96
N THR A 262 -5.83 4.30 2.99
CA THR A 262 -5.09 5.12 3.95
C THR A 262 -5.60 4.94 5.38
N SER A 263 -6.89 4.62 5.53
CA SER A 263 -7.53 4.52 6.84
C SER A 263 -8.43 3.29 6.99
N TRP A 264 -8.60 2.85 8.23
CA TRP A 264 -9.31 1.62 8.55
C TRP A 264 -10.82 1.68 8.31
N ASN A 265 -11.37 2.89 8.34
CA ASN A 265 -12.80 3.09 8.21
C ASN A 265 -13.29 3.44 6.80
N VAL A 266 -12.44 4.11 6.03
CA VAL A 266 -12.83 4.61 4.70
C VAL A 266 -12.60 3.56 3.61
N ILE A 267 -13.62 3.34 2.78
CA ILE A 267 -13.53 2.43 1.65
C ILE A 267 -12.69 3.06 0.53
N PRO A 268 -11.58 2.41 0.14
CA PRO A 268 -10.68 2.94 -0.89
C PRO A 268 -11.28 2.90 -2.30
N ASP A 269 -10.98 3.91 -3.10
CA ASP A 269 -11.44 3.97 -4.49
C ASP A 269 -10.54 3.12 -5.38
N GLN A 270 -9.24 3.11 -5.06
CA GLN A 270 -8.24 2.44 -5.91
C GLN A 270 -7.45 1.37 -5.16
N ALA A 271 -6.88 0.45 -5.94
CA ALA A 271 -5.84 -0.45 -5.48
C ALA A 271 -4.76 -0.51 -6.57
N GLU A 272 -3.51 -0.28 -6.19
CA GLU A 272 -2.40 -0.39 -7.14
C GLU A 272 -1.39 -1.46 -6.76
N GLU A 274 2.58 -3.20 -8.33
CA GLU A 274 3.65 -3.23 -9.32
C GLU A 274 4.65 -4.34 -9.04
N GLY A 275 5.46 -4.66 -10.04
CA GLY A 275 6.45 -5.72 -9.93
C GLY A 275 7.18 -5.97 -11.23
N THR A 276 7.84 -7.12 -11.30
CA THR A 276 8.67 -7.47 -12.45
C THR A 276 8.27 -8.79 -13.07
N VAL A 277 8.49 -8.89 -14.37
CA VAL A 277 8.37 -10.14 -15.10
C VAL A 277 9.76 -10.55 -15.58
N ARG A 278 10.07 -11.83 -15.44
CA ARG A 278 11.33 -12.39 -15.89
C ARG A 278 11.10 -13.59 -16.80
N THR A 279 11.62 -13.50 -18.03
CA THR A 279 11.50 -14.58 -19.02
C THR A 279 12.88 -14.95 -19.56
N PHE A 280 12.96 -16.09 -20.23
CA PHE A 280 14.20 -16.51 -20.89
C PHE A 280 14.08 -16.58 -22.41
N GLN A 281 12.85 -16.73 -22.92
CA GLN A 281 12.65 -16.69 -24.37
C GLN A 281 11.94 -15.40 -24.84
N LYS A 282 12.24 -15.01 -26.08
CA LYS A 282 11.80 -13.73 -26.64
C LYS A 282 10.28 -13.64 -26.79
N GLU A 283 9.66 -14.74 -27.21
CA GLU A 283 8.22 -14.81 -27.40
C GLU A 283 7.45 -14.78 -26.07
N ALA A 284 7.98 -15.49 -25.08
CA ALA A 284 7.43 -15.47 -23.72
C ALA A 284 7.35 -14.05 -23.17
N ARG A 285 8.40 -13.25 -23.41
CA ARG A 285 8.45 -11.85 -23.02
C ARG A 285 7.39 -10.99 -23.73
N GLN A 286 7.01 -11.41 -24.94
N GLN A 286 7.03 -11.39 -24.95
CA GLN A 286 6.03 -10.69 -25.74
CA GLN A 286 6.02 -10.69 -25.74
C GLN A 286 4.60 -11.18 -25.51
C GLN A 286 4.61 -11.10 -25.29
N ALA A 287 4.47 -12.38 -24.93
CA ALA A 287 3.16 -12.99 -24.70
C ALA A 287 2.62 -12.82 -23.27
N VAL A 288 3.51 -12.67 -22.30
CA VAL A 288 3.10 -12.56 -20.89
C VAL A 288 2.34 -11.27 -20.52
N PRO A 289 2.76 -10.09 -21.04
CA PRO A 289 2.01 -8.88 -20.69
C PRO A 289 0.54 -8.94 -21.08
N GLU A 290 0.24 -9.46 -22.27
CA GLU A 290 -1.13 -9.63 -22.74
C GLU A 290 -1.90 -10.64 -21.90
N HIS A 291 -1.22 -11.72 -21.49
CA HIS A 291 -1.83 -12.73 -20.64
C HIS A 291 -2.12 -12.16 -19.25
N ARG A 293 -2.62 -8.96 -18.69
CA ARG A 293 -3.65 -7.95 -18.93
C ARG A 293 -5.02 -8.60 -18.96
N ARG A 294 -5.14 -9.71 -19.69
CA ARG A 294 -6.39 -10.45 -19.84
C ARG A 294 -6.92 -10.89 -18.47
N VAL A 295 -6.02 -11.43 -17.65
CA VAL A 295 -6.33 -11.89 -16.29
C VAL A 295 -6.79 -10.74 -15.39
N ALA A 296 -6.05 -9.64 -15.42
CA ALA A 296 -6.35 -8.47 -14.59
C ALA A 296 -7.68 -7.82 -14.99
N GLU A 297 -7.90 -7.73 -16.30
CA GLU A 297 -9.09 -7.08 -16.85
C GLU A 297 -10.35 -7.88 -16.54
N GLY A 298 -10.26 -9.21 -16.69
CA GLY A 298 -11.37 -10.11 -16.44
C GLY A 298 -11.79 -10.15 -14.98
N ILE A 299 -10.82 -10.39 -14.09
CA ILE A 299 -11.11 -10.43 -12.66
C ILE A 299 -11.72 -9.11 -12.16
N ALA A 300 -11.14 -7.98 -12.58
CA ALA A 300 -11.63 -6.66 -12.17
C ALA A 300 -13.08 -6.42 -12.61
N ALA A 301 -13.39 -6.81 -13.84
CA ALA A 301 -14.74 -6.69 -14.40
C ALA A 301 -15.77 -7.52 -13.64
N GLY A 302 -15.31 -8.64 -13.07
CA GLY A 302 -16.15 -9.47 -12.22
C GLY A 302 -16.60 -8.74 -10.96
N TYR A 303 -15.77 -7.79 -10.50
CA TYR A 303 -16.05 -7.03 -9.27
C TYR A 303 -16.62 -5.63 -9.53
N GLY A 304 -17.05 -5.39 -10.77
CA GLY A 304 -17.62 -4.09 -11.16
C GLY A 304 -16.57 -2.99 -11.23
N ALA A 305 -15.31 -3.40 -11.32
CA ALA A 305 -14.18 -2.47 -11.38
C ALA A 305 -13.48 -2.59 -12.72
N GLN A 306 -12.52 -1.69 -12.98
CA GLN A 306 -11.72 -1.77 -14.19
C GLN A 306 -10.23 -1.75 -13.86
N ALA A 307 -9.44 -2.39 -14.72
CA ALA A 307 -8.00 -2.48 -14.53
C ALA A 307 -7.26 -1.63 -15.54
N GLU A 308 -6.23 -0.94 -15.06
CA GLU A 308 -5.26 -0.27 -15.92
C GLU A 308 -3.97 -1.06 -15.84
N PHE A 309 -3.49 -1.53 -16.99
CA PHE A 309 -2.24 -2.28 -17.05
C PHE A 309 -1.18 -1.47 -17.77
N LYS A 310 -0.05 -1.26 -17.11
CA LYS A 310 1.07 -0.54 -17.70
C LYS A 310 2.32 -1.42 -17.74
N TRP A 311 3.05 -1.34 -18.85
CA TRP A 311 4.21 -2.18 -19.10
C TRP A 311 5.43 -1.32 -19.40
N PHE A 312 6.51 -1.55 -18.66
CA PHE A 312 7.74 -0.76 -18.81
C PHE A 312 8.97 -1.64 -19.02
N PRO A 313 9.39 -1.83 -20.28
CA PRO A 313 10.56 -2.64 -20.59
C PRO A 313 11.83 -2.10 -19.94
N TYR A 314 12.61 -3.01 -19.36
CA TYR A 314 13.82 -2.68 -18.64
C TYR A 314 15.02 -3.34 -19.33
N LEU A 315 15.03 -4.67 -19.37
CA LEU A 315 16.12 -5.43 -20.01
C LEU A 315 15.64 -6.64 -20.81
N PRO A 316 16.14 -6.79 -22.07
CA PRO A 316 16.02 -8.07 -22.76
C PRO A 316 16.89 -9.14 -22.09
N SER A 317 16.69 -10.39 -22.49
CA SER A 317 17.50 -11.50 -21.99
C SER A 317 18.90 -11.53 -22.61
N VAL A 318 19.90 -11.92 -21.82
CA VAL A 318 21.25 -12.17 -22.33
C VAL A 318 21.19 -13.45 -23.19
N GLN A 319 21.34 -13.26 -24.50
N GLN A 319 21.32 -13.25 -24.51
CA GLN A 319 21.24 -14.34 -25.48
CA GLN A 319 21.25 -14.32 -25.50
C GLN A 319 22.59 -14.54 -26.18
C GLN A 319 22.61 -14.53 -26.16
N ASN A 320 23.17 -15.73 -25.99
CA ASN A 320 24.48 -16.05 -26.58
C ASN A 320 24.40 -16.66 -27.99
N ASP A 321 25.16 -16.08 -28.90
CA ASP A 321 25.21 -16.52 -30.31
C ASP A 321 26.02 -17.81 -30.42
N GLY A 322 25.41 -18.84 -31.01
CA GLY A 322 26.06 -20.13 -31.18
C GLY A 322 27.23 -20.20 -32.16
N THR A 323 27.45 -19.14 -32.93
CA THR A 323 28.59 -19.11 -33.86
C THR A 323 29.92 -18.95 -33.11
N PHE A 324 29.85 -18.49 -31.87
CA PHE A 324 31.04 -18.24 -31.05
C PHE A 324 31.28 -19.33 -30.02
N LEU A 325 30.36 -20.28 -29.96
CA LEU A 325 30.42 -21.37 -28.99
C LEU A 325 31.72 -22.16 -29.10
N ASN A 326 32.05 -22.58 -30.32
CA ASN A 326 33.30 -23.28 -30.59
C ASN A 326 34.54 -22.50 -30.15
N ALA A 327 34.57 -21.22 -30.50
CA ALA A 327 35.65 -20.31 -30.12
C ALA A 327 35.78 -20.16 -28.60
N ALA A 328 34.64 -20.06 -27.92
CA ALA A 328 34.60 -19.92 -26.46
C ALA A 328 35.18 -21.15 -25.77
N SER A 329 34.98 -22.32 -26.38
CA SER A 329 35.48 -23.59 -25.86
C SER A 329 36.98 -23.79 -26.14
N GLU A 330 37.40 -23.49 -27.37
CA GLU A 330 38.79 -23.70 -27.75
C GLU A 330 39.77 -22.70 -27.12
N ALA A 331 39.27 -21.53 -26.73
CA ALA A 331 40.09 -20.55 -26.02
C ALA A 331 40.52 -21.08 -24.65
N ALA A 332 39.60 -21.74 -23.95
CA ALA A 332 39.89 -22.36 -22.66
C ALA A 332 40.77 -23.59 -22.84
N ALA A 333 40.51 -24.34 -23.91
CA ALA A 333 41.26 -25.56 -24.22
C ALA A 333 42.73 -25.27 -24.51
N ARG A 334 42.98 -24.24 -25.33
CA ARG A 334 44.35 -23.80 -25.66
C ARG A 334 45.19 -23.42 -24.44
N LEU A 335 44.53 -22.87 -23.42
CA LEU A 335 45.22 -22.40 -22.22
C LEU A 335 45.17 -23.40 -21.07
N GLY A 336 44.58 -24.56 -21.32
CA GLY A 336 44.44 -25.60 -20.30
C GLY A 336 43.46 -25.26 -19.20
N TYR A 337 42.48 -24.42 -19.52
CA TYR A 337 41.40 -24.12 -18.59
C TYR A 337 40.20 -25.02 -18.91
N GLN A 338 39.26 -25.07 -17.98
CA GLN A 338 38.09 -25.94 -18.14
C GLN A 338 36.82 -25.16 -18.46
N THR A 339 35.90 -25.81 -19.15
CA THR A 339 34.57 -25.26 -19.40
C THR A 339 33.49 -26.16 -18.82
N VAL A 340 32.42 -25.54 -18.34
CA VAL A 340 31.22 -26.27 -17.91
C VAL A 340 30.02 -25.67 -18.64
N HIS A 341 28.91 -26.41 -18.67
CA HIS A 341 27.68 -25.91 -19.24
C HIS A 341 27.06 -24.87 -18.31
N ALA A 342 26.98 -23.63 -18.80
CA ALA A 342 26.54 -22.50 -17.99
C ALA A 342 25.12 -22.64 -17.46
N GLU A 343 24.96 -22.46 -16.15
CA GLU A 343 23.65 -22.42 -15.52
C GLU A 343 23.05 -21.03 -15.71
N GLN A 344 21.73 -20.98 -15.91
CA GLN A 344 21.04 -19.71 -16.10
C GLN A 344 20.98 -18.88 -14.81
N SER A 345 20.94 -17.56 -14.96
CA SER A 345 20.81 -16.65 -13.83
C SER A 345 19.49 -15.88 -13.92
N PRO A 346 18.79 -15.73 -12.78
CA PRO A 346 17.54 -14.97 -12.73
C PRO A 346 17.77 -13.45 -12.86
N GLY A 347 19.00 -13.00 -12.69
CA GLY A 347 19.34 -11.59 -12.77
C GLY A 347 19.39 -11.06 -14.20
N GLY A 348 19.40 -9.75 -14.33
CA GLY A 348 19.47 -9.09 -15.63
C GLY A 348 20.79 -8.36 -15.79
N GLU A 349 21.31 -8.35 -17.01
CA GLU A 349 22.56 -7.69 -17.31
C GLU A 349 22.35 -6.81 -18.53
N ASP A 350 22.84 -5.57 -18.48
CA ASP A 350 22.61 -4.66 -19.61
C ASP A 350 23.49 -4.95 -20.82
N PHE A 351 24.39 -5.92 -20.67
CA PHE A 351 25.13 -6.49 -21.80
C PHE A 351 24.16 -7.02 -22.87
N ALA A 352 22.97 -7.43 -22.43
CA ALA A 352 21.90 -7.93 -23.32
C ALA A 352 21.48 -6.90 -24.36
N LEU A 353 21.53 -5.62 -23.99
CA LEU A 353 21.24 -4.52 -24.91
C LEU A 353 22.18 -4.50 -26.11
N TYR A 354 23.45 -4.82 -25.89
CA TYR A 354 24.41 -4.95 -26.98
C TYR A 354 24.01 -6.06 -27.96
N GLN A 355 23.58 -7.19 -27.40
CA GLN A 355 23.21 -8.39 -28.16
C GLN A 355 21.92 -8.24 -28.97
N GLU A 356 21.13 -7.22 -28.66
CA GLU A 356 19.95 -6.87 -29.47
C GLU A 356 20.38 -6.31 -30.82
N LYS A 357 21.60 -5.79 -30.87
CA LYS A 357 22.10 -5.09 -32.05
C LYS A 357 23.08 -5.92 -32.87
N ILE A 358 24.02 -6.57 -32.19
CA ILE A 358 25.06 -7.38 -32.84
C ILE A 358 25.23 -8.73 -32.14
N PRO A 359 25.80 -9.73 -32.86
CA PRO A 359 26.09 -11.03 -32.27
C PRO A 359 27.02 -10.91 -31.06
N GLY A 360 26.76 -11.70 -30.03
CA GLY A 360 27.56 -11.61 -28.81
C GLY A 360 27.66 -12.90 -28.01
N PHE A 361 28.65 -12.96 -27.12
CA PHE A 361 28.81 -14.08 -26.21
C PHE A 361 29.24 -13.63 -24.82
N PHE A 362 28.51 -14.09 -23.81
CA PHE A 362 28.74 -13.72 -22.42
C PHE A 362 29.00 -14.98 -21.61
N VAL A 363 30.12 -15.00 -20.88
CA VAL A 363 30.51 -16.21 -20.13
C VAL A 363 30.57 -16.00 -18.61
N TRP A 364 30.42 -17.09 -17.86
CA TRP A 364 30.71 -17.09 -16.44
C TRP A 364 32.21 -17.28 -16.22
N GLY A 366 34.66 -18.39 -13.38
CA GLY A 366 34.81 -19.00 -12.06
C GLY A 366 35.75 -18.20 -11.18
N THR A 367 35.32 -17.89 -9.96
CA THR A 367 36.13 -17.09 -9.04
C THR A 367 36.22 -17.66 -7.63
N ASN A 368 35.66 -18.85 -7.42
CA ASN A 368 35.72 -19.53 -6.12
C ASN A 368 35.43 -18.57 -4.96
N GLY A 369 34.23 -18.00 -4.97
CA GLY A 369 33.78 -17.05 -3.95
C GLY A 369 33.12 -17.72 -2.75
N THR A 370 32.64 -16.90 -1.83
CA THR A 370 32.02 -17.39 -0.58
C THR A 370 30.57 -16.95 -0.46
N GLU A 371 30.27 -15.78 -1.01
CA GLU A 371 28.92 -15.23 -0.99
C GLU A 371 28.45 -14.93 -2.42
N GLU A 372 27.14 -14.78 -2.57
CA GLU A 372 26.57 -14.43 -3.87
C GLU A 372 26.71 -12.92 -4.15
N TRP A 373 26.47 -12.53 -5.41
CA TRP A 373 26.55 -11.13 -5.79
C TRP A 373 25.74 -10.24 -4.84
N HIS A 374 26.31 -9.07 -4.53
CA HIS A 374 25.65 -8.02 -3.74
C HIS A 374 25.71 -8.20 -2.22
N HIS A 375 26.26 -9.33 -1.77
CA HIS A 375 26.42 -9.57 -0.35
C HIS A 375 27.54 -8.67 0.19
N PRO A 376 27.34 -8.09 1.40
CA PRO A 376 28.39 -7.30 2.08
C PRO A 376 29.73 -8.02 2.24
N ALA A 377 29.71 -9.35 2.34
CA ALA A 377 30.92 -10.15 2.54
C ALA A 377 31.41 -10.82 1.25
N PHE A 378 30.85 -10.39 0.12
CA PHE A 378 31.20 -10.90 -1.20
C PHE A 378 32.73 -10.90 -1.44
N THR A 379 33.23 -12.02 -1.95
CA THR A 379 34.67 -12.21 -2.22
C THR A 379 34.91 -12.85 -3.58
N LEU A 380 36.18 -12.83 -4.00
CA LEU A 380 36.62 -13.54 -5.19
C LEU A 380 38.10 -13.91 -5.05
N ASP A 381 38.47 -15.05 -5.63
CA ASP A 381 39.87 -15.52 -5.63
C ASP A 381 40.59 -14.81 -6.77
N GLU A 382 41.63 -14.06 -6.43
CA GLU A 382 42.33 -13.20 -7.39
C GLU A 382 43.18 -13.97 -8.41
N GLU A 383 43.29 -15.28 -8.24
CA GLU A 383 43.95 -16.14 -9.23
C GLU A 383 43.19 -16.14 -10.56
N ALA A 384 41.89 -15.86 -10.49
CA ALA A 384 41.04 -15.76 -11.68
C ALA A 384 41.41 -14.60 -12.60
N LEU A 385 42.20 -13.65 -12.09
CA LEU A 385 42.69 -12.51 -12.86
C LEU A 385 43.60 -12.94 -13.99
N THR A 386 44.44 -13.94 -13.74
CA THR A 386 45.25 -14.57 -14.78
C THR A 386 44.34 -15.28 -15.78
N VAL A 387 43.45 -16.14 -15.26
CA VAL A 387 42.51 -16.90 -16.08
C VAL A 387 41.76 -16.01 -17.07
N ALA A 388 41.10 -14.98 -16.54
CA ALA A 388 40.21 -14.15 -17.32
C ALA A 388 40.92 -13.28 -18.35
N SER A 389 42.06 -12.71 -17.96
CA SER A 389 42.83 -11.85 -18.86
C SER A 389 43.34 -12.65 -20.06
N GLN A 390 43.88 -13.84 -19.76
CA GLN A 390 44.38 -14.76 -20.78
C GLN A 390 43.26 -15.32 -21.67
N TYR A 391 42.13 -15.64 -21.05
CA TYR A 391 40.99 -16.21 -21.77
C TYR A 391 40.48 -15.31 -22.88
N PHE A 392 40.25 -14.04 -22.55
CA PHE A 392 39.70 -13.08 -23.49
C PHE A 392 40.72 -12.63 -24.54
N ALA A 393 42.01 -12.69 -24.18
CA ALA A 393 43.08 -12.45 -25.14
C ALA A 393 43.11 -13.56 -26.19
N GLU A 394 42.96 -14.80 -25.75
CA GLU A 394 42.99 -15.93 -26.67
C GLU A 394 41.69 -16.02 -27.49
N LEU A 395 40.57 -15.73 -26.84
CA LEU A 395 39.27 -15.67 -27.50
C LEU A 395 39.26 -14.64 -28.63
N ALA A 396 39.78 -13.45 -28.35
CA ALA A 396 39.89 -12.37 -29.35
C ALA A 396 40.64 -12.81 -30.60
N VAL A 397 41.79 -13.45 -30.41
CA VAL A 397 42.61 -13.97 -31.52
C VAL A 397 41.86 -15.03 -32.32
N ILE A 398 41.19 -15.95 -31.62
CA ILE A 398 40.45 -17.04 -32.25
C ILE A 398 39.22 -16.54 -33.01
N VAL A 399 38.46 -15.63 -32.41
CA VAL A 399 37.27 -15.06 -33.06
C VAL A 399 37.64 -14.35 -34.36
N LEU A 400 38.66 -13.48 -34.30
CA LEU A 400 39.10 -12.72 -35.45
C LEU A 400 39.66 -13.58 -36.61
N GLU A 401 40.10 -14.80 -36.28
CA GLU A 401 40.54 -15.77 -37.29
C GLU A 401 39.37 -16.26 -38.14
N THR A 402 38.20 -16.43 -37.51
CA THR A 402 37.05 -17.04 -38.18
C THR A 402 35.91 -16.07 -38.50
N ILE A 403 35.90 -14.91 -37.85
CA ILE A 403 34.84 -13.93 -38.08
C ILE A 403 35.10 -13.10 -39.34
N ASP B 27 -49.70 24.15 17.72
CA ASP B 27 -49.75 25.58 17.30
C ASP B 27 -48.52 25.95 16.46
N LYS B 28 -48.68 26.94 15.59
CA LYS B 28 -47.62 27.34 14.64
C LYS B 28 -46.42 27.99 15.32
N ALA B 29 -46.67 28.72 16.41
CA ALA B 29 -45.62 29.46 17.13
C ALA B 29 -44.52 28.54 17.67
N PHE B 30 -44.92 27.40 18.25
CA PHE B 30 -43.99 26.43 18.79
C PHE B 30 -43.23 25.69 17.69
N HIS B 31 -43.91 25.43 16.57
CA HIS B 31 -43.28 24.80 15.42
C HIS B 31 -42.26 25.76 14.79
N THR B 32 -42.59 27.05 14.73
CA THR B 32 -41.67 28.09 14.28
C THR B 32 -40.42 28.11 15.16
N ARG B 33 -40.63 27.99 16.48
CA ARG B 33 -39.56 27.97 17.46
C ARG B 33 -38.56 26.82 17.26
N LEU B 34 -39.07 25.60 17.09
CA LEU B 34 -38.21 24.43 16.83
C LEU B 34 -37.46 24.56 15.51
N ILE B 35 -38.16 25.02 14.47
CA ILE B 35 -37.55 25.30 13.17
C ILE B 35 -36.37 26.28 13.30
N ASN B 36 -36.58 27.38 14.02
CA ASN B 36 -35.55 28.40 14.21
C ASN B 36 -34.31 27.88 14.96
N ARG B 38 -33.40 24.55 15.00
CA ARG B 38 -32.83 23.68 13.98
C ARG B 38 -31.95 24.47 13.01
N ARG B 39 -32.50 25.55 12.46
CA ARG B 39 -31.82 26.34 11.45
C ARG B 39 -30.60 27.08 11.96
N ASP B 40 -30.69 27.58 13.19
CA ASP B 40 -29.56 28.28 13.82
C ASP B 40 -28.37 27.34 14.05
N LEU B 41 -28.65 26.11 14.46
CA LEU B 41 -27.60 25.09 14.63
C LEU B 41 -27.06 24.60 13.28
N HIS B 42 -27.96 24.39 12.33
CA HIS B 42 -27.59 24.11 10.94
C HIS B 42 -26.67 25.17 10.32
N GLU B 43 -26.97 26.45 10.59
N GLU B 43 -26.97 26.44 10.61
CA GLU B 43 -26.19 27.58 10.07
CA GLU B 43 -26.22 27.60 10.10
C GLU B 43 -24.78 27.63 10.67
C GLU B 43 -24.80 27.66 10.68
N HIS B 44 -24.64 27.16 11.90
CA HIS B 44 -23.37 27.18 12.61
C HIS B 44 -22.99 25.79 13.12
N PRO B 45 -22.57 24.90 12.21
CA PRO B 45 -22.24 23.53 12.64
C PRO B 45 -20.84 23.44 13.23
N GLU B 46 -20.67 22.54 14.19
CA GLU B 46 -19.38 22.35 14.85
C GLU B 46 -18.97 20.88 14.91
N LEU B 47 -17.68 20.63 14.70
CA LEU B 47 -17.14 19.28 14.66
C LEU B 47 -17.09 18.64 16.05
N SER B 48 -16.88 17.32 16.06
CA SER B 48 -16.80 16.53 17.29
C SER B 48 -15.83 17.12 18.32
N PHE B 49 -16.32 17.26 19.55
CA PHE B 49 -15.59 17.87 20.67
C PHE B 49 -15.22 19.34 20.47
N GLN B 50 -15.78 19.96 19.43
CA GLN B 50 -15.57 21.38 19.15
C GLN B 50 -16.90 22.12 19.20
N GLU B 51 -17.94 21.44 19.70
CA GLU B 51 -19.31 21.97 19.70
C GLU B 51 -19.53 23.01 20.80
N VAL B 52 -18.63 24.00 20.85
CA VAL B 52 -18.65 25.03 21.88
C VAL B 52 -19.87 25.94 21.79
N GLU B 53 -20.10 26.52 20.61
CA GLU B 53 -21.22 27.43 20.37
C GLU B 53 -22.56 26.68 20.49
N THR B 54 -22.58 25.47 19.95
CA THR B 54 -23.76 24.61 20.01
C THR B 54 -24.17 24.31 21.46
N THR B 55 -23.17 24.00 22.29
CA THR B 55 -23.39 23.73 23.71
C THR B 55 -24.11 24.91 24.38
N LYS B 56 -23.57 26.11 24.19
CA LYS B 56 -24.09 27.33 24.82
C LYS B 56 -25.51 27.69 24.38
N LYS B 57 -25.82 27.42 23.11
CA LYS B 57 -27.16 27.68 22.57
C LYS B 57 -28.19 26.76 23.20
N ILE B 58 -27.85 25.47 23.30
CA ILE B 58 -28.72 24.47 23.91
C ILE B 58 -28.99 24.86 25.37
N ARG B 59 -27.92 25.22 26.08
CA ARG B 59 -28.00 25.72 27.45
C ARG B 59 -28.99 26.87 27.55
N ARG B 60 -28.78 27.92 26.75
CA ARG B 60 -29.66 29.09 26.72
C ARG B 60 -31.12 28.73 26.47
N TRP B 61 -31.36 27.99 25.38
CA TRP B 61 -32.71 27.64 24.97
C TRP B 61 -33.52 26.90 26.03
N LEU B 62 -32.86 26.01 26.76
CA LEU B 62 -33.50 25.27 27.85
C LEU B 62 -33.71 26.17 29.07
N GLU B 63 -32.73 27.02 29.37
CA GLU B 63 -32.78 27.92 30.51
C GLU B 63 -33.82 29.01 30.38
N GLU B 64 -34.19 29.34 29.14
CA GLU B 64 -35.26 30.30 28.88
C GLU B 64 -36.65 29.75 29.24
N GLU B 65 -36.75 28.43 29.35
N GLU B 65 -36.74 28.43 29.37
CA GLU B 65 -37.98 27.75 29.76
CA GLU B 65 -37.99 27.77 29.76
C GLU B 65 -37.92 27.23 31.20
C GLU B 65 -37.93 27.24 31.20
N GLN B 66 -36.96 27.75 31.96
CA GLN B 66 -36.70 27.34 33.37
C GLN B 66 -36.42 25.85 33.57
N ILE B 67 -35.99 25.19 32.49
CA ILE B 67 -35.59 23.79 32.55
C ILE B 67 -34.20 23.70 33.18
N GLU B 68 -34.11 22.94 34.27
CA GLU B 68 -32.88 22.77 35.03
C GLU B 68 -31.76 22.14 34.20
N ILE B 69 -30.61 22.79 34.21
CA ILE B 69 -29.39 22.26 33.61
C ILE B 69 -28.50 21.70 34.70
N LEU B 70 -28.14 20.44 34.56
CA LEU B 70 -27.28 19.78 35.53
C LEU B 70 -25.83 20.19 35.32
N ASP B 71 -25.10 20.34 36.42
CA ASP B 71 -23.69 20.72 36.38
C ASP B 71 -22.79 19.50 36.21
N VAL B 72 -22.17 19.40 35.04
CA VAL B 72 -21.26 18.32 34.71
C VAL B 72 -19.97 18.93 34.17
N PRO B 73 -19.03 19.28 35.07
CA PRO B 73 -17.81 20.01 34.71
C PRO B 73 -16.93 19.26 33.72
N GLN B 74 -16.88 17.93 33.84
CA GLN B 74 -16.02 17.08 33.00
C GLN B 74 -16.44 17.08 31.52
N LEU B 75 -17.74 17.31 31.26
CA LEU B 75 -18.23 17.46 29.90
C LEU B 75 -18.03 18.90 29.44
N LYS B 76 -16.93 19.13 28.71
CA LYS B 76 -16.60 20.45 28.17
C LYS B 76 -17.65 20.91 27.16
N THR B 77 -18.05 20.00 26.27
CA THR B 77 -19.18 20.22 25.38
C THR B 77 -20.24 19.15 25.68
N GLY B 78 -21.49 19.45 25.33
CA GLY B 78 -22.61 18.62 25.76
C GLY B 78 -23.36 19.28 26.90
N VAL B 79 -24.66 18.99 26.95
CA VAL B 79 -25.55 19.58 27.95
C VAL B 79 -26.38 18.46 28.56
N ILE B 80 -26.40 18.40 29.88
CA ILE B 80 -27.28 17.49 30.60
C ILE B 80 -28.38 18.31 31.27
N ALA B 81 -29.62 17.94 31.00
CA ALA B 81 -30.78 18.66 31.53
C ALA B 81 -31.71 17.69 32.23
N GLU B 82 -32.59 18.20 33.08
CA GLU B 82 -33.48 17.36 33.87
C GLU B 82 -34.88 17.95 34.01
N ILE B 83 -35.88 17.08 33.97
CA ILE B 83 -37.24 17.45 34.29
C ILE B 83 -37.81 16.41 35.26
N LYS B 84 -38.09 16.86 36.48
CA LYS B 84 -38.68 16.03 37.50
C LYS B 84 -40.19 16.01 37.38
N GLY B 85 -40.78 14.83 37.51
CA GLY B 85 -42.22 14.72 37.67
C GLY B 85 -42.62 15.15 39.06
N ARG B 86 -43.93 15.14 39.34
CA ARG B 86 -44.43 15.56 40.64
C ARG B 86 -44.49 14.40 41.64
N GLU B 87 -44.32 13.19 41.12
CA GLU B 87 -44.18 12.00 41.96
C GLU B 87 -42.76 11.47 41.82
N ASP B 88 -42.21 10.97 42.92
CA ASP B 88 -40.94 10.26 42.89
C ASP B 88 -41.12 8.97 42.09
N GLY B 89 -40.05 8.53 41.46
CA GLY B 89 -40.09 7.36 40.62
C GLY B 89 -38.79 7.16 39.87
N PRO B 90 -38.78 6.26 38.87
CA PRO B 90 -37.56 5.95 38.14
C PRO B 90 -37.05 7.15 37.32
N VAL B 91 -35.78 7.08 36.92
CA VAL B 91 -35.17 8.08 36.05
C VAL B 91 -34.90 7.44 34.70
N ILE B 92 -35.39 8.08 33.64
CA ILE B 92 -35.08 7.65 32.28
C ILE B 92 -34.34 8.77 31.54
N ALA B 93 -33.57 8.39 30.52
CA ALA B 93 -32.83 9.35 29.72
C ALA B 93 -33.32 9.40 28.28
N ILE B 94 -33.28 10.60 27.70
CA ILE B 94 -33.58 10.83 26.30
C ILE B 94 -32.39 11.54 25.68
N ARG B 95 -31.83 10.95 24.62
CA ARG B 95 -30.56 11.40 24.08
C ARG B 95 -30.69 11.99 22.67
N ALA B 96 -29.97 13.09 22.44
CA ALA B 96 -29.70 13.61 21.10
C ALA B 96 -28.20 13.86 20.92
N ASP B 97 -27.72 13.71 19.69
CA ASP B 97 -26.34 14.03 19.35
C ASP B 97 -26.24 15.41 18.70
N ILE B 98 -25.12 16.09 18.92
CA ILE B 98 -25.00 17.52 18.60
C ILE B 98 -23.90 17.91 17.61
N ASP B 99 -23.03 16.97 17.28
CA ASP B 99 -21.88 17.27 16.42
C ASP B 99 -22.18 17.18 14.93
N ALA B 100 -21.44 17.96 14.14
CA ALA B 100 -21.57 17.97 12.69
C ALA B 100 -20.40 17.24 12.03
N LEU B 101 -20.24 17.44 10.72
CA LEU B 101 -19.23 16.74 9.93
C LEU B 101 -18.34 17.66 9.08
N PRO B 102 -17.09 17.26 8.83
CA PRO B 102 -16.20 18.04 7.95
C PRO B 102 -16.54 17.88 6.46
N ILE B 103 -17.71 18.36 6.06
CA ILE B 103 -18.21 18.24 4.69
C ILE B 103 -18.75 19.59 4.22
N GLN B 104 -18.42 20.00 2.98
CA GLN B 104 -18.96 21.25 2.44
C GLN B 104 -20.42 21.08 2.02
N GLU B 105 -21.27 21.99 2.48
CA GLU B 105 -22.70 21.95 2.17
C GLU B 105 -23.00 22.32 0.72
N GLN B 106 -23.78 21.47 0.06
CA GLN B 106 -24.22 21.72 -1.31
C GLN B 106 -25.75 21.71 -1.43
N THR B 107 -26.43 22.27 -0.43
CA THR B 107 -27.90 22.33 -0.43
C THR B 107 -28.43 23.60 -1.06
N ASN B 108 -27.66 24.68 -0.93
CA ASN B 108 -28.06 26.03 -1.36
C ASN B 108 -29.25 26.61 -0.59
N LEU B 109 -29.49 26.08 0.61
CA LEU B 109 -30.54 26.58 1.50
C LEU B 109 -30.13 27.93 2.11
N PRO B 110 -31.12 28.79 2.45
CA PRO B 110 -30.77 30.10 3.01
C PRO B 110 -30.01 29.96 4.33
N PHE B 111 -30.33 28.90 5.06
CA PHE B 111 -29.72 28.62 6.36
C PHE B 111 -28.59 27.58 6.27
N ALA B 112 -27.99 27.46 5.09
CA ALA B 112 -26.84 26.57 4.90
C ALA B 112 -25.66 27.00 5.79
N SER B 113 -24.80 26.06 6.12
CA SER B 113 -23.62 26.31 6.94
C SER B 113 -22.83 27.55 6.50
N LYS B 114 -22.52 28.41 7.48
CA LYS B 114 -21.68 29.58 7.25
C LYS B 114 -20.20 29.21 7.40
N VAL B 115 -19.94 28.05 7.98
CA VAL B 115 -18.57 27.53 8.13
C VAL B 115 -18.26 26.62 6.96
N ASP B 116 -17.42 27.09 6.04
CA ASP B 116 -17.05 26.32 4.85
C ASP B 116 -16.26 25.06 5.22
N GLY B 117 -16.73 23.93 4.70
CA GLY B 117 -16.11 22.63 4.98
C GLY B 117 -16.65 21.95 6.22
N THR B 118 -17.78 22.43 6.71
CA THR B 118 -18.47 21.84 7.87
C THR B 118 -19.97 21.93 7.64
N HIS B 120 -24.05 20.02 9.03
CA HIS B 120 -24.88 19.01 9.68
C HIS B 120 -25.47 18.05 8.63
N ALA B 121 -24.62 17.19 8.09
CA ALA B 121 -25.00 16.30 6.98
C ALA B 121 -25.61 14.99 7.48
N CYS B 122 -25.78 14.89 8.79
CA CYS B 122 -26.34 13.69 9.42
C CYS B 122 -27.59 14.02 10.24
N GLY B 123 -28.03 15.29 10.19
CA GLY B 123 -29.27 15.71 10.84
C GLY B 123 -29.23 15.83 12.36
N HIS B 124 -28.05 16.06 12.91
CA HIS B 124 -27.87 16.20 14.36
C HIS B 124 -28.48 17.50 14.90
N ASP B 125 -28.56 18.52 14.03
CA ASP B 125 -29.28 19.75 14.34
C ASP B 125 -30.77 19.46 14.58
N PHE B 126 -31.32 18.54 13.78
CA PHE B 126 -32.70 18.11 13.90
C PHE B 126 -32.93 17.31 15.19
N HIS B 127 -32.04 16.36 15.49
CA HIS B 127 -32.14 15.58 16.73
C HIS B 127 -32.15 16.49 17.95
N THR B 128 -31.25 17.47 17.95
CA THR B 128 -31.10 18.42 19.04
C THR B 128 -32.35 19.31 19.20
N ALA B 129 -32.79 19.93 18.11
CA ALA B 129 -33.96 20.80 18.14
C ALA B 129 -35.23 20.04 18.57
N SER B 130 -35.35 18.79 18.15
CA SER B 130 -36.49 17.93 18.49
C SER B 130 -36.55 17.61 19.97
N ILE B 131 -35.40 17.24 20.55
CA ILE B 131 -35.34 16.85 21.95
C ILE B 131 -35.50 18.05 22.89
N ILE B 132 -34.93 19.19 22.51
CA ILE B 132 -35.22 20.45 23.20
C ILE B 132 -36.74 20.68 23.19
N GLY B 133 -37.37 20.40 22.05
CA GLY B 133 -38.82 20.42 21.93
C GLY B 133 -39.52 19.50 22.91
N THR B 134 -39.07 18.24 22.95
CA THR B 134 -39.58 17.24 23.89
C THR B 134 -39.50 17.76 25.33
N ALA B 135 -38.33 18.29 25.70
CA ALA B 135 -38.15 18.92 27.00
C ALA B 135 -39.13 20.07 27.26
N LEU B 137 -42.01 20.62 25.91
CA LEU B 137 -43.36 20.06 26.05
C LEU B 137 -43.55 19.41 27.43
N LEU B 138 -42.61 18.55 27.81
CA LEU B 138 -42.67 17.84 29.09
C LEU B 138 -42.60 18.76 30.30
N ASN B 139 -41.98 19.93 30.11
CA ASN B 139 -41.91 20.97 31.14
C ASN B 139 -43.30 21.37 31.64
N GLN B 140 -44.27 21.38 30.73
CA GLN B 140 -45.66 21.71 31.03
C GLN B 140 -46.51 20.45 31.31
N ARG B 141 -45.83 19.30 31.48
CA ARG B 141 -46.52 18.03 31.73
C ARG B 141 -45.97 17.29 32.96
N ARG B 142 -45.40 18.06 33.89
CA ARG B 142 -44.77 17.52 35.10
C ARG B 142 -45.66 16.64 35.96
N ALA B 143 -46.97 16.92 35.96
CA ALA B 143 -47.94 16.15 36.76
C ALA B 143 -48.17 14.75 36.18
N GLU B 144 -47.90 14.60 34.89
CA GLU B 144 -48.11 13.32 34.20
C GLU B 144 -46.90 12.39 34.30
N LEU B 145 -45.72 12.95 34.59
CA LEU B 145 -44.49 12.16 34.64
C LEU B 145 -44.33 11.45 35.99
N LYS B 146 -44.36 10.12 35.94
CA LYS B 146 -44.22 9.31 37.15
C LYS B 146 -42.77 8.94 37.39
N GLY B 147 -41.96 9.95 37.68
CA GLY B 147 -40.52 9.83 37.80
C GLY B 147 -39.84 11.01 37.14
N THR B 148 -38.62 10.77 36.65
CA THR B 148 -37.75 11.84 36.16
C THR B 148 -37.25 11.54 34.74
N VAL B 149 -37.10 12.59 33.93
CA VAL B 149 -36.51 12.46 32.60
C VAL B 149 -35.23 13.30 32.50
N ARG B 150 -34.13 12.63 32.15
CA ARG B 150 -32.85 13.28 31.97
C ARG B 150 -32.54 13.39 30.47
N PHE B 151 -32.12 14.57 30.05
CA PHE B 151 -31.86 14.84 28.63
C PHE B 151 -30.36 14.93 28.36
N ILE B 152 -29.88 14.11 27.43
CA ILE B 152 -28.45 14.07 27.11
C ILE B 152 -28.20 14.59 25.71
N PHE B 153 -27.59 15.77 25.65
CA PHE B 153 -27.20 16.34 24.37
C PHE B 153 -25.72 16.02 24.20
N GLN B 154 -25.47 14.98 23.41
CA GLN B 154 -24.19 14.28 23.38
C GLN B 154 -23.27 14.80 22.28
N PRO B 155 -22.03 15.15 22.65
CA PRO B 155 -21.03 15.53 21.66
C PRO B 155 -20.39 14.30 21.01
N ALA B 156 -19.69 14.52 19.90
CA ALA B 156 -18.77 13.52 19.33
C ALA B 156 -19.37 12.14 19.04
N GLU B 157 -20.57 12.14 18.47
CA GLU B 157 -21.21 10.90 18.03
C GLU B 157 -20.47 10.35 16.80
N GLU B 158 -20.14 11.25 15.88
CA GLU B 158 -19.52 10.88 14.61
C GLU B 158 -18.17 10.18 14.73
N ILE B 159 -17.46 10.43 15.84
CA ILE B 159 -16.21 9.72 16.11
C ILE B 159 -16.36 8.66 17.21
N ALA B 160 -17.61 8.33 17.51
CA ALA B 160 -17.97 7.31 18.54
C ALA B 160 -17.22 7.45 19.85
N ALA B 161 -17.08 8.69 20.32
CA ALA B 161 -16.27 8.99 21.50
C ALA B 161 -17.09 9.65 22.60
N GLY B 162 -18.20 10.28 22.21
CA GLY B 162 -19.01 11.07 23.14
C GLY B 162 -19.82 10.27 24.13
N ALA B 163 -20.43 9.18 23.69
CA ALA B 163 -21.25 8.34 24.57
C ALA B 163 -20.44 7.76 25.73
N ARG B 164 -19.19 7.41 25.46
CA ARG B 164 -18.25 6.94 26.47
C ARG B 164 -17.93 8.03 27.50
N LYS B 165 -17.80 9.28 27.04
CA LYS B 165 -17.53 10.41 27.93
C LYS B 165 -18.72 10.68 28.84
N VAL B 166 -19.92 10.60 28.27
CA VAL B 166 -21.16 10.76 29.03
C VAL B 166 -21.27 9.68 30.12
N LEU B 167 -20.90 8.44 29.77
CA LEU B 167 -20.95 7.31 30.71
C LEU B 167 -19.92 7.45 31.83
N GLU B 168 -18.74 7.95 31.47
CA GLU B 168 -17.63 8.14 32.40
C GLU B 168 -17.88 9.29 33.38
N ALA B 169 -18.73 10.23 32.98
CA ALA B 169 -19.10 11.36 33.82
C ALA B 169 -20.27 11.04 34.78
N GLY B 170 -20.75 9.80 34.76
CA GLY B 170 -21.75 9.32 35.71
C GLY B 170 -23.17 9.79 35.48
N VAL B 171 -23.45 10.23 34.25
CA VAL B 171 -24.72 10.82 33.86
C VAL B 171 -25.85 9.78 33.84
N LEU B 172 -25.48 8.51 33.79
CA LEU B 172 -26.47 7.45 33.75
C LEU B 172 -26.56 6.67 35.06
N ASN B 173 -25.87 7.15 36.09
CA ASN B 173 -25.99 6.57 37.43
C ASN B 173 -27.41 6.76 37.93
N GLY B 174 -28.08 5.64 38.21
CA GLY B 174 -29.47 5.67 38.65
C GLY B 174 -30.50 5.82 37.54
N VAL B 175 -30.04 5.73 36.29
CA VAL B 175 -30.94 5.78 35.14
C VAL B 175 -31.35 4.36 34.75
N SER B 176 -32.65 4.13 34.63
CA SER B 176 -33.19 2.79 34.35
C SER B 176 -33.30 2.47 32.87
N ALA B 177 -33.50 3.49 32.05
CA ALA B 177 -33.70 3.29 30.61
C ALA B 177 -33.23 4.50 29.82
N ILE B 178 -32.85 4.26 28.57
CA ILE B 178 -32.42 5.33 27.68
C ILE B 178 -33.07 5.20 26.30
N PHE B 179 -33.41 6.34 25.71
CA PHE B 179 -34.07 6.37 24.42
C PHE B 179 -33.41 7.40 23.51
N GLY B 180 -33.40 7.07 22.23
CA GLY B 180 -32.80 7.93 21.21
C GLY B 180 -33.45 7.71 19.86
N HIS B 182 -32.71 8.34 15.31
CA HIS B 182 -31.99 8.90 14.19
C HIS B 182 -32.97 9.15 13.05
N ASN B 183 -32.82 10.29 12.39
CA ASN B 183 -33.63 10.57 11.21
C ASN B 183 -33.37 9.52 10.14
N LYS B 184 -34.43 9.18 9.41
CA LYS B 184 -34.37 8.19 8.35
C LYS B 184 -35.00 8.79 7.10
N PRO B 185 -34.16 9.35 6.20
CA PRO B 185 -34.60 10.06 4.99
C PRO B 185 -35.57 9.27 4.09
N ASP B 186 -35.39 7.95 4.05
CA ASP B 186 -36.27 7.07 3.24
C ASP B 186 -37.69 6.94 3.79
N LEU B 187 -37.87 7.20 5.09
CA LEU B 187 -39.20 7.09 5.71
C LEU B 187 -39.98 8.41 5.70
N PRO B 188 -41.31 8.34 5.53
CA PRO B 188 -42.16 9.54 5.52
C PRO B 188 -42.28 10.22 6.88
N VAL B 189 -42.64 11.49 6.86
CA VAL B 189 -42.92 12.25 8.08
C VAL B 189 -44.16 11.68 8.76
N GLY B 190 -44.06 11.43 10.07
CA GLY B 190 -45.14 10.82 10.83
C GLY B 190 -44.97 9.33 10.97
N THR B 191 -43.86 8.81 10.44
CA THR B 191 -43.54 7.39 10.55
C THR B 191 -42.32 7.19 11.44
N ILE B 192 -42.48 6.29 12.41
CA ILE B 192 -41.41 5.91 13.34
C ILE B 192 -41.01 4.45 13.08
N GLY B 193 -39.71 4.23 12.90
CA GLY B 193 -39.18 2.88 12.64
C GLY B 193 -38.88 2.16 13.94
N VAL B 194 -39.62 1.08 14.19
CA VAL B 194 -39.56 0.39 15.49
C VAL B 194 -39.26 -1.10 15.33
N LYS B 195 -38.28 -1.59 16.08
CA LYS B 195 -38.00 -3.03 16.17
C LYS B 195 -37.22 -3.37 17.43
N GLU B 196 -37.46 -4.56 17.98
CA GLU B 196 -36.65 -5.09 19.07
C GLU B 196 -35.42 -5.78 18.52
N GLY B 197 -34.37 -5.86 19.34
CA GLY B 197 -33.12 -6.51 18.95
C GLY B 197 -32.15 -5.60 18.21
N PRO B 198 -31.18 -6.20 17.48
CA PRO B 198 -30.13 -5.48 16.76
C PRO B 198 -30.66 -4.57 15.64
N LEU B 199 -30.39 -3.28 15.77
CA LEU B 199 -30.83 -2.29 14.79
C LEU B 199 -29.67 -1.87 13.89
N ALA B 201 -25.30 -2.21 13.11
CA ALA B 201 -24.16 -3.12 13.20
C ALA B 201 -23.14 -2.67 14.23
N SER B 202 -22.47 -3.66 14.83
CA SER B 202 -21.28 -3.38 15.62
C SER B 202 -20.15 -3.02 14.66
N VAL B 203 -19.19 -2.24 15.15
CA VAL B 203 -18.04 -1.84 14.35
C VAL B 203 -16.79 -2.22 15.10
N ASP B 204 -15.90 -2.95 14.43
CA ASP B 204 -14.62 -3.34 15.00
C ASP B 204 -13.50 -3.18 14.00
N ARG B 205 -12.34 -2.76 14.50
CA ARG B 205 -11.16 -2.53 13.70
C ARG B 205 -10.19 -3.70 13.88
N PHE B 206 -9.56 -4.13 12.78
CA PHE B 206 -8.53 -5.16 12.84
C PHE B 206 -7.28 -4.81 12.03
N GLU B 207 -6.15 -5.43 12.39
CA GLU B 207 -4.90 -5.25 11.68
C GLU B 207 -4.19 -6.59 11.54
N ILE B 208 -3.78 -6.91 10.31
CA ILE B 208 -2.99 -8.12 10.04
C ILE B 208 -1.62 -7.76 9.51
N VAL B 209 -0.57 -8.37 10.07
CA VAL B 209 0.79 -8.24 9.54
C VAL B 209 1.29 -9.62 9.10
N ILE B 210 1.67 -9.73 7.83
CA ILE B 210 2.25 -10.96 7.27
C ILE B 210 3.76 -10.78 7.15
N LYS B 211 4.53 -11.68 7.76
CA LYS B 211 6.00 -11.59 7.72
C LYS B 211 6.70 -12.95 7.79
N GLY B 212 7.99 -12.96 7.45
CA GLY B 212 8.81 -14.18 7.48
C GLY B 212 8.95 -14.81 8.86
N LYS B 213 9.10 -16.13 8.88
CA LYS B 213 9.17 -16.89 10.13
C LYS B 213 10.51 -16.70 10.85
N ILE B 224 9.61 -17.61 0.99
CA ILE B 224 8.73 -16.78 1.81
C ILE B 224 8.13 -15.65 0.98
N ASP B 225 6.84 -15.74 0.67
CA ASP B 225 6.15 -14.76 -0.15
C ASP B 225 4.97 -14.15 0.62
N PRO B 226 5.18 -12.92 1.16
CA PRO B 226 4.13 -12.24 1.91
C PRO B 226 2.97 -11.72 1.05
N ILE B 227 3.26 -11.34 -0.19
CA ILE B 227 2.23 -10.78 -1.08
C ILE B 227 1.22 -11.84 -1.49
N ALA B 228 1.73 -13.03 -1.82
CA ALA B 228 0.89 -14.15 -2.23
C ALA B 228 0.02 -14.60 -1.06
N ALA B 229 0.60 -14.63 0.14
CA ALA B 229 -0.16 -14.92 1.35
C ALA B 229 -1.24 -13.87 1.57
N ALA B 230 -0.85 -12.59 1.47
CA ALA B 230 -1.79 -11.46 1.60
C ALA B 230 -2.95 -11.52 0.61
N GLY B 231 -2.64 -11.76 -0.66
CA GLY B 231 -3.66 -11.87 -1.71
C GLY B 231 -4.65 -13.00 -1.44
N GLN B 232 -4.13 -14.07 -0.85
CA GLN B 232 -4.91 -15.24 -0.49
C GLN B 232 -5.76 -14.99 0.76
N ILE B 233 -5.24 -14.19 1.69
CA ILE B 233 -5.98 -13.84 2.91
C ILE B 233 -7.13 -12.86 2.61
N ILE B 234 -6.87 -11.89 1.74
CA ILE B 234 -7.91 -10.98 1.25
C ILE B 234 -9.11 -11.76 0.70
N SER B 235 -8.83 -12.72 -0.19
CA SER B 235 -9.87 -13.58 -0.76
C SER B 235 -10.53 -14.47 0.28
N GLY B 236 -9.76 -14.88 1.29
CA GLY B 236 -10.25 -15.80 2.31
C GLY B 236 -11.21 -15.23 3.33
N LEU B 237 -11.49 -13.94 3.26
CA LEU B 237 -12.40 -13.27 4.22
C LEU B 237 -13.12 -12.00 3.75
N GLN B 238 -12.62 -11.35 2.70
CA GLN B 238 -13.28 -10.17 2.13
C GLN B 238 -14.54 -10.55 1.36
N ASN B 250 -23.21 -13.98 9.30
CA ASN B 250 -23.92 -12.70 9.15
C ASN B 250 -22.96 -11.51 9.20
N ALA B 251 -21.68 -11.80 9.46
CA ALA B 251 -20.65 -10.78 9.58
C ALA B 251 -20.19 -10.25 8.22
N VAL B 252 -19.76 -8.99 8.21
CA VAL B 252 -19.19 -8.37 7.00
C VAL B 252 -17.79 -7.88 7.32
N VAL B 253 -16.82 -8.40 6.57
CA VAL B 253 -15.43 -7.99 6.68
C VAL B 253 -15.07 -7.11 5.49
N SER B 254 -14.56 -5.92 5.77
CA SER B 254 -14.12 -5.00 4.73
C SER B 254 -12.67 -4.61 4.94
N ILE B 255 -11.79 -5.17 4.11
CA ILE B 255 -10.40 -4.74 4.06
C ILE B 255 -10.40 -3.36 3.40
N THR B 256 -9.88 -2.37 4.11
CA THR B 256 -9.89 -1.00 3.65
C THR B 256 -8.48 -0.48 3.39
N ARG B 257 -7.48 -1.23 3.84
CA ARG B 257 -6.09 -0.79 3.75
C ARG B 257 -5.14 -1.97 3.55
N VAL B 258 -4.31 -1.87 2.51
CA VAL B 258 -3.31 -2.89 2.19
C VAL B 258 -1.98 -2.22 1.85
N GLN B 259 -0.91 -2.64 2.51
CA GLN B 259 0.42 -2.13 2.22
C GLN B 259 1.45 -3.25 2.19
N ALA B 260 2.21 -3.31 1.10
CA ALA B 260 3.33 -4.23 0.96
C ALA B 260 4.40 -3.67 0.02
N GLY B 261 5.65 -3.76 0.45
CA GLY B 261 6.80 -3.34 -0.36
C GLY B 261 6.98 -1.85 -0.53
N THR B 262 8.06 -1.47 -1.20
CA THR B 262 8.42 -0.05 -1.37
C THR B 262 8.81 0.28 -2.81
N SER B 263 9.70 -0.53 -3.37
CA SER B 263 10.26 -0.29 -4.70
C SER B 263 9.94 -1.47 -5.62
N TRP B 264 9.95 -1.22 -6.93
CA TRP B 264 9.60 -2.23 -7.91
C TRP B 264 10.66 -3.33 -8.09
N ASN B 265 11.85 -3.10 -7.55
CA ASN B 265 12.94 -4.08 -7.59
C ASN B 265 12.99 -4.95 -6.35
N VAL B 266 12.83 -4.31 -5.19
CA VAL B 266 13.04 -4.97 -3.90
C VAL B 266 11.94 -5.96 -3.55
N ILE B 267 12.35 -7.16 -3.14
CA ILE B 267 11.43 -8.18 -2.65
C ILE B 267 10.96 -7.77 -1.25
N PRO B 268 9.62 -7.73 -1.03
CA PRO B 268 9.07 -7.26 0.23
C PRO B 268 9.27 -8.27 1.37
N ASP B 269 9.53 -7.77 2.56
CA ASP B 269 9.71 -8.63 3.73
C ASP B 269 8.38 -8.87 4.44
N GLN B 270 7.47 -7.90 4.37
CA GLN B 270 6.17 -8.02 5.02
C GLN B 270 5.01 -7.36 4.26
N ALA B 271 3.80 -7.82 4.56
CA ALA B 271 2.57 -7.22 4.05
C ALA B 271 1.62 -6.96 5.23
N GLU B 272 0.87 -5.86 5.16
CA GLU B 272 -0.08 -5.54 6.23
C GLU B 272 -1.46 -5.10 5.71
N GLU B 274 -5.50 -3.59 6.99
CA GLU B 274 -6.42 -3.01 7.97
C GLU B 274 -7.83 -3.02 7.42
N GLY B 275 -8.81 -3.08 8.31
CA GLY B 275 -10.21 -3.05 7.90
C GLY B 275 -11.22 -3.02 9.02
N THR B 276 -12.48 -3.19 8.66
CA THR B 276 -13.59 -3.18 9.61
C THR B 276 -14.36 -4.49 9.60
N VAL B 277 -14.91 -4.85 10.75
CA VAL B 277 -15.83 -5.97 10.89
C VAL B 277 -17.17 -5.45 11.42
N ARG B 278 -18.26 -5.84 10.76
CA ARG B 278 -19.62 -5.44 11.17
C ARG B 278 -20.48 -6.67 11.42
N THR B 279 -21.05 -6.75 12.63
CA THR B 279 -21.94 -7.87 13.00
C THR B 279 -23.24 -7.35 13.61
N PHE B 280 -24.25 -8.20 13.65
CA PHE B 280 -25.53 -7.86 14.27
C PHE B 280 -25.82 -8.59 15.58
N GLN B 281 -25.31 -9.82 15.71
CA GLN B 281 -25.49 -10.58 16.96
C GLN B 281 -24.25 -10.57 17.84
N LYS B 282 -24.46 -10.63 19.15
CA LYS B 282 -23.38 -10.58 20.14
C LYS B 282 -22.39 -11.73 20.03
N GLU B 283 -22.91 -12.92 19.74
CA GLU B 283 -22.07 -14.11 19.59
C GLU B 283 -21.21 -14.06 18.32
N ALA B 284 -21.77 -13.52 17.24
CA ALA B 284 -21.06 -13.38 15.97
C ALA B 284 -19.92 -12.36 16.04
N ARG B 285 -20.06 -11.38 16.93
CA ARG B 285 -19.02 -10.38 17.15
C ARG B 285 -17.79 -10.96 17.86
N GLN B 286 -18.01 -11.91 18.75
CA GLN B 286 -16.93 -12.54 19.49
C GLN B 286 -16.26 -13.67 18.71
N ALA B 287 -17.03 -14.35 17.88
CA ALA B 287 -16.55 -15.52 17.14
C ALA B 287 -15.73 -15.17 15.90
N VAL B 288 -16.02 -14.02 15.30
CA VAL B 288 -15.41 -13.64 14.02
C VAL B 288 -13.89 -13.35 14.06
N PRO B 289 -13.38 -12.70 15.13
CA PRO B 289 -11.93 -12.47 15.17
C PRO B 289 -11.12 -13.75 15.32
N GLU B 290 -11.67 -14.74 16.02
CA GLU B 290 -11.01 -16.05 16.18
C GLU B 290 -10.98 -16.78 14.85
N HIS B 291 -12.04 -16.60 14.06
CA HIS B 291 -12.18 -17.20 12.75
C HIS B 291 -11.21 -16.57 11.75
N ARG B 293 -8.42 -15.01 12.53
CA ARG B 293 -7.06 -15.36 12.97
C ARG B 293 -6.65 -16.74 12.43
N ARG B 294 -7.60 -17.66 12.38
CA ARG B 294 -7.34 -19.01 11.91
C ARG B 294 -7.02 -19.05 10.42
N VAL B 295 -7.81 -18.32 9.63
CA VAL B 295 -7.61 -18.23 8.18
C VAL B 295 -6.30 -17.52 7.85
N ALA B 296 -6.05 -16.38 8.51
CA ALA B 296 -4.85 -15.59 8.30
C ALA B 296 -3.56 -16.36 8.58
N GLU B 297 -3.50 -17.01 9.75
CA GLU B 297 -2.30 -17.77 10.14
C GLU B 297 -2.17 -19.06 9.36
N GLY B 298 -3.31 -19.66 9.01
CA GLY B 298 -3.33 -20.86 8.19
C GLY B 298 -2.67 -20.63 6.85
N ILE B 299 -3.22 -19.68 6.09
CA ILE B 299 -2.69 -19.30 4.79
C ILE B 299 -1.23 -18.83 4.87
N ALA B 300 -0.90 -18.02 5.87
CA ALA B 300 0.46 -17.53 6.06
C ALA B 300 1.47 -18.67 6.26
N ALA B 301 1.08 -19.69 7.02
CA ALA B 301 1.90 -20.89 7.21
C ALA B 301 2.07 -21.67 5.90
N GLY B 302 1.06 -21.59 5.04
CA GLY B 302 1.11 -22.21 3.71
C GLY B 302 2.24 -21.67 2.86
N TYR B 303 2.51 -20.38 3.00
CA TYR B 303 3.59 -19.70 2.27
C TYR B 303 4.84 -19.50 3.11
N GLY B 304 4.94 -20.24 4.21
CA GLY B 304 6.09 -20.17 5.11
C GLY B 304 6.26 -18.84 5.81
N ALA B 305 5.14 -18.17 6.08
CA ALA B 305 5.15 -16.86 6.72
C ALA B 305 4.45 -16.90 8.08
N GLN B 306 4.29 -15.72 8.69
CA GLN B 306 3.60 -15.57 9.97
C GLN B 306 2.56 -14.46 9.87
N ALA B 307 1.39 -14.69 10.47
CA ALA B 307 0.34 -13.68 10.51
C ALA B 307 0.09 -13.22 11.95
N GLU B 308 0.32 -11.95 12.20
CA GLU B 308 -0.03 -11.35 13.49
C GLU B 308 -1.33 -10.59 13.35
N PHE B 309 -2.31 -10.97 14.16
CA PHE B 309 -3.66 -10.43 14.09
C PHE B 309 -3.96 -9.57 15.32
N LYS B 310 -4.22 -8.29 15.08
CA LYS B 310 -4.57 -7.37 16.15
C LYS B 310 -6.04 -6.97 16.06
N TRP B 311 -6.68 -6.84 17.22
CA TRP B 311 -8.09 -6.54 17.30
C TRP B 311 -8.33 -5.27 18.09
N PHE B 312 -9.16 -4.39 17.55
CA PHE B 312 -9.50 -3.12 18.21
C PHE B 312 -11.00 -2.87 18.18
N PRO B 313 -11.67 -3.06 19.34
CA PRO B 313 -13.10 -2.80 19.45
C PRO B 313 -13.45 -1.31 19.32
N TYR B 314 -14.44 -1.02 18.48
CA TYR B 314 -14.88 0.36 18.24
C TYR B 314 -16.28 0.56 18.82
N LEU B 315 -17.24 -0.24 18.36
CA LEU B 315 -18.64 -0.14 18.82
C LEU B 315 -19.37 -1.49 18.84
N PRO B 316 -20.22 -1.71 19.86
CA PRO B 316 -21.16 -2.82 19.82
C PRO B 316 -22.36 -2.44 18.96
N SER B 317 -23.21 -3.42 18.66
CA SER B 317 -24.42 -3.15 17.89
C SER B 317 -25.47 -2.45 18.74
N VAL B 318 -26.36 -1.72 18.08
CA VAL B 318 -27.51 -1.11 18.73
C VAL B 318 -28.56 -2.19 18.95
N GLN B 319 -28.80 -2.53 20.22
N GLN B 319 -28.77 -2.56 20.21
CA GLN B 319 -29.73 -3.58 20.61
CA GLN B 319 -29.75 -3.60 20.58
C GLN B 319 -30.94 -3.02 21.34
C GLN B 319 -30.94 -3.02 21.33
N ASN B 320 -32.11 -3.09 20.71
CA ASN B 320 -33.33 -2.55 21.31
C ASN B 320 -34.04 -3.54 22.23
N ASP B 321 -34.17 -3.15 23.50
CA ASP B 321 -34.84 -3.97 24.51
C ASP B 321 -36.32 -4.08 24.21
N GLY B 322 -36.80 -5.32 24.17
CA GLY B 322 -38.20 -5.62 23.87
C GLY B 322 -39.23 -5.13 24.88
N THR B 323 -38.78 -4.84 26.10
CA THR B 323 -39.69 -4.37 27.16
C THR B 323 -40.29 -3.00 26.85
N PHE B 324 -39.69 -2.28 25.91
CA PHE B 324 -40.17 -0.95 25.51
C PHE B 324 -40.85 -0.94 24.15
N LEU B 325 -40.90 -2.10 23.49
CA LEU B 325 -41.54 -2.23 22.18
C LEU B 325 -42.99 -1.74 22.20
N ASN B 326 -43.76 -2.22 23.17
CA ASN B 326 -45.15 -1.78 23.36
C ASN B 326 -45.28 -0.26 23.55
N ALA B 327 -44.46 0.29 24.45
CA ALA B 327 -44.45 1.73 24.72
C ALA B 327 -44.12 2.54 23.46
N ALA B 328 -43.17 2.04 22.67
CA ALA B 328 -42.77 2.68 21.42
C ALA B 328 -43.91 2.73 20.39
N SER B 329 -44.70 1.66 20.33
CA SER B 329 -45.87 1.58 19.44
C SER B 329 -47.04 2.44 19.94
N GLU B 330 -47.30 2.38 21.24
N GLU B 330 -47.30 2.38 21.24
CA GLU B 330 -48.40 3.10 21.88
CA GLU B 330 -48.41 3.10 21.88
C GLU B 330 -48.26 4.62 21.70
C GLU B 330 -48.27 4.62 21.76
N ALA B 331 -47.03 5.12 21.88
CA ALA B 331 -46.73 6.55 21.76
C ALA B 331 -47.07 7.12 20.38
N ALA B 332 -46.82 6.33 19.34
CA ALA B 332 -47.19 6.70 17.97
C ALA B 332 -48.70 6.67 17.77
N ALA B 333 -49.34 5.64 18.31
CA ALA B 333 -50.78 5.45 18.19
C ALA B 333 -51.58 6.59 18.83
N ARG B 334 -51.22 6.95 20.07
CA ARG B 334 -51.92 7.99 20.83
C ARG B 334 -51.86 9.37 20.18
N LEU B 335 -50.91 9.53 19.25
CA LEU B 335 -50.65 10.80 18.58
C LEU B 335 -51.05 10.78 17.11
N GLY B 336 -51.49 9.62 16.63
CA GLY B 336 -51.91 9.46 15.25
C GLY B 336 -50.76 9.27 14.26
N TYR B 337 -49.60 8.86 14.79
CA TYR B 337 -48.44 8.57 13.96
C TYR B 337 -48.33 7.09 13.62
N GLN B 338 -47.57 6.80 12.56
CA GLN B 338 -47.42 5.45 12.06
C GLN B 338 -46.12 4.81 12.53
N THR B 339 -46.17 3.50 12.72
CA THR B 339 -44.98 2.70 12.95
C THR B 339 -44.80 1.71 11.81
N VAL B 340 -43.55 1.48 11.42
CA VAL B 340 -43.19 0.37 10.56
C VAL B 340 -42.13 -0.45 11.26
N HIS B 341 -41.97 -1.71 10.85
CA HIS B 341 -40.89 -2.54 11.35
C HIS B 341 -39.57 -2.01 10.79
N ALA B 342 -38.70 -1.58 11.69
CA ALA B 342 -37.44 -0.91 11.34
C ALA B 342 -36.48 -1.81 10.59
N GLU B 343 -35.92 -1.27 9.49
N GLU B 343 -35.92 -1.28 9.49
CA GLU B 343 -34.89 -1.96 8.72
CA GLU B 343 -34.90 -1.98 8.72
C GLU B 343 -33.53 -1.69 9.34
C GLU B 343 -33.52 -1.68 9.29
N GLN B 344 -32.67 -2.71 9.36
CA GLN B 344 -31.34 -2.59 9.95
C GLN B 344 -30.41 -1.67 9.16
N SER B 345 -29.44 -1.09 9.86
CA SER B 345 -28.47 -0.20 9.23
C SER B 345 -27.05 -0.78 9.36
N PRO B 346 -26.26 -0.69 8.27
CA PRO B 346 -24.87 -1.14 8.31
C PRO B 346 -23.97 -0.25 9.16
N GLY B 347 -24.34 1.02 9.30
CA GLY B 347 -23.59 1.98 10.11
C GLY B 347 -23.59 1.68 11.60
N GLY B 348 -22.72 2.37 12.32
CA GLY B 348 -22.63 2.22 13.77
C GLY B 348 -23.07 3.49 14.49
N GLU B 349 -23.68 3.33 15.65
CA GLU B 349 -24.06 4.46 16.48
C GLU B 349 -23.55 4.24 17.89
N ASP B 350 -22.93 5.26 18.48
CA ASP B 350 -22.36 5.12 19.84
C ASP B 350 -23.42 5.07 20.95
N PHE B 351 -24.68 5.28 20.57
CA PHE B 351 -25.82 5.02 21.45
C PHE B 351 -25.76 3.59 21.99
N ALA B 352 -25.20 2.69 21.19
CA ALA B 352 -25.01 1.28 21.55
C ALA B 352 -24.25 1.09 22.87
N LEU B 353 -23.31 2.00 23.17
CA LEU B 353 -22.54 1.94 24.42
C LEU B 353 -23.41 2.14 25.65
N TYR B 354 -24.42 3.01 25.55
CA TYR B 354 -25.40 3.16 26.63
C TYR B 354 -26.14 1.85 26.85
N GLN B 355 -26.49 1.19 25.74
CA GLN B 355 -27.31 -0.01 25.75
C GLN B 355 -26.65 -1.27 26.32
N GLU B 356 -25.32 -1.26 26.45
CA GLU B 356 -24.66 -2.37 27.13
C GLU B 356 -24.59 -2.15 28.65
N LYS B 357 -25.02 -0.98 29.10
CA LYS B 357 -25.07 -0.68 30.54
C LYS B 357 -26.51 -0.75 31.07
N ILE B 358 -27.44 -0.14 30.35
CA ILE B 358 -28.85 -0.12 30.73
C ILE B 358 -29.74 -0.48 29.54
N PRO B 359 -30.99 -0.93 29.81
CA PRO B 359 -32.00 -1.15 28.77
C PRO B 359 -32.29 0.12 27.98
N GLY B 360 -32.38 0.00 26.67
CA GLY B 360 -32.59 1.18 25.82
C GLY B 360 -33.33 0.91 24.52
N PHE B 361 -33.88 1.97 23.94
CA PHE B 361 -34.64 1.85 22.70
C PHE B 361 -34.31 2.98 21.73
N PHE B 362 -33.81 2.59 20.56
CA PHE B 362 -33.45 3.53 19.50
C PHE B 362 -34.42 3.34 18.34
N VAL B 363 -35.00 4.44 17.86
CA VAL B 363 -35.97 4.38 16.76
C VAL B 363 -35.56 5.18 15.51
N TRP B 364 -36.12 4.81 14.36
CA TRP B 364 -35.97 5.61 13.15
C TRP B 364 -37.02 6.70 13.13
N GLY B 366 -38.80 9.19 10.65
CA GLY B 366 -39.05 9.50 9.24
C GLY B 366 -38.96 10.99 8.96
N THR B 367 -38.14 11.37 7.98
CA THR B 367 -37.89 12.79 7.71
C THR B 367 -37.97 13.16 6.22
N ASN B 368 -38.51 12.25 5.40
CA ASN B 368 -38.77 12.52 3.99
C ASN B 368 -37.62 13.29 3.29
N GLY B 369 -36.44 12.68 3.30
CA GLY B 369 -35.27 13.27 2.65
C GLY B 369 -35.10 12.84 1.20
N THR B 370 -33.92 13.12 0.65
CA THR B 370 -33.60 12.74 -0.73
C THR B 370 -32.25 12.03 -0.78
N GLU B 371 -31.29 12.51 0.00
CA GLU B 371 -29.94 11.95 0.01
C GLU B 371 -29.62 11.28 1.34
N GLU B 372 -28.75 10.28 1.28
CA GLU B 372 -28.36 9.49 2.46
C GLU B 372 -27.58 10.33 3.47
N TRP B 373 -27.43 9.79 4.68
CA TRP B 373 -26.59 10.42 5.70
C TRP B 373 -25.20 10.71 5.11
N HIS B 374 -24.66 11.87 5.49
CA HIS B 374 -23.29 12.31 5.14
C HIS B 374 -23.12 12.92 3.73
N HIS B 375 -24.18 12.86 2.93
CA HIS B 375 -24.14 13.48 1.60
C HIS B 375 -24.18 15.01 1.73
N PRO B 376 -23.37 15.73 0.92
CA PRO B 376 -23.35 17.20 0.93
C PRO B 376 -24.71 17.87 0.67
N ALA B 377 -25.60 17.17 -0.04
CA ALA B 377 -26.93 17.71 -0.36
C ALA B 377 -28.02 17.10 0.53
N PHE B 378 -27.59 16.49 1.63
CA PHE B 378 -28.49 15.92 2.63
C PHE B 378 -29.51 16.97 3.06
N THR B 379 -30.79 16.58 3.02
CA THR B 379 -31.88 17.46 3.42
C THR B 379 -32.74 16.77 4.48
N LEU B 380 -33.74 17.52 4.96
CA LEU B 380 -34.59 17.06 6.03
C LEU B 380 -35.91 17.83 6.01
N ASP B 381 -37.03 17.11 6.13
CA ASP B 381 -38.35 17.74 6.19
C ASP B 381 -38.65 18.19 7.61
N GLU B 382 -38.75 19.51 7.79
CA GLU B 382 -38.87 20.12 9.12
C GLU B 382 -40.17 19.83 9.86
N GLU B 383 -41.22 19.44 9.11
CA GLU B 383 -42.49 19.05 9.72
C GLU B 383 -42.30 17.87 10.70
N ALA B 384 -41.22 17.12 10.51
CA ALA B 384 -40.88 15.99 11.38
C ALA B 384 -40.39 16.42 12.78
N LEU B 385 -40.13 17.72 12.95
CA LEU B 385 -39.77 18.29 14.25
C LEU B 385 -40.95 18.24 15.23
N THR B 386 -42.15 18.43 14.71
CA THR B 386 -43.39 18.27 15.47
C THR B 386 -43.56 16.81 15.88
N VAL B 387 -43.36 15.90 14.93
CA VAL B 387 -43.52 14.45 15.16
C VAL B 387 -42.57 13.96 16.24
N ALA B 388 -41.27 14.21 16.05
CA ALA B 388 -40.23 13.72 16.96
C ALA B 388 -40.33 14.29 18.38
N SER B 389 -40.54 15.60 18.48
CA SER B 389 -40.69 16.27 19.77
C SER B 389 -41.93 15.76 20.54
N GLN B 390 -43.04 15.60 19.84
CA GLN B 390 -44.27 15.07 20.44
C GLN B 390 -44.14 13.59 20.78
N TYR B 391 -43.55 12.81 19.88
CA TYR B 391 -43.38 11.36 20.07
C TYR B 391 -42.61 11.02 21.33
N PHE B 392 -41.49 11.70 21.54
CA PHE B 392 -40.63 11.44 22.68
C PHE B 392 -41.18 11.99 24.00
N ALA B 393 -42.02 13.02 23.92
CA ALA B 393 -42.75 13.50 25.08
C ALA B 393 -43.70 12.42 25.59
N GLU B 394 -44.53 11.89 24.69
CA GLU B 394 -45.50 10.85 25.02
C GLU B 394 -44.86 9.53 25.45
N LEU B 395 -43.77 9.15 24.78
CA LEU B 395 -43.03 7.94 25.11
C LEU B 395 -42.50 7.99 26.54
N ALA B 396 -41.96 9.13 26.95
CA ALA B 396 -41.47 9.33 28.31
C ALA B 396 -42.59 9.14 29.34
N VAL B 397 -43.74 9.74 29.09
CA VAL B 397 -44.90 9.62 29.97
C VAL B 397 -45.37 8.15 30.05
N ILE B 398 -45.40 7.48 28.91
CA ILE B 398 -45.80 6.06 28.86
C ILE B 398 -44.77 5.16 29.54
N VAL B 399 -43.49 5.36 29.22
CA VAL B 399 -42.40 4.57 29.81
C VAL B 399 -42.37 4.69 31.34
N LEU B 400 -42.41 5.92 31.86
CA LEU B 400 -42.33 6.13 33.30
C LEU B 400 -43.47 5.48 34.11
N GLU B 401 -44.63 5.29 33.48
CA GLU B 401 -45.74 4.64 34.18
C GLU B 401 -45.80 3.12 33.96
N THR B 402 -45.04 2.62 32.99
CA THR B 402 -45.07 1.18 32.67
C THR B 402 -43.78 0.42 33.05
N ILE B 403 -42.64 1.11 33.03
CA ILE B 403 -41.36 0.51 33.44
C ILE B 403 -41.41 0.05 34.91
#